data_1NOW
#
_entry.id   1NOW
#
_cell.length_a   112.391
_cell.length_b   112.391
_cell.length_c   397.309
_cell.angle_alpha   90.00
_cell.angle_beta   90.00
_cell.angle_gamma   120.00
#
_symmetry.space_group_name_H-M   'P 61 2 2'
#
loop_
_entity.id
_entity.type
_entity.pdbx_description
1 polymer 'beta-hexosaminidase beta chain'
2 branched 2-acetamido-2-deoxy-beta-D-glucopyranose-(1-4)-2-acetamido-2-deoxy-beta-D-glucopyranose
3 non-polymer (2R,3R,4S,5R)-2-ACETAMIDO-3,4-DIHYDROXY-5-HYDROXYMETHYL-PIPERIDINE
4 non-polymer GLYCEROL
5 non-polymer 'SULFATE ION'
6 water water
#
_entity_poly.entity_id   1
_entity_poly.type   'polypeptide(L)'
_entity_poly.pdbx_seq_one_letter_code
;AKPGPALWPLPLSVKMTPNLLHLAPENFYISHSPNSTAGPSCTLLEEAFRRYHGYIFGFYKWHHEPAEFQAKTQVQQLLV
SITLQSECDAFPNISSDESYTLLVKEPVAVLKANRVWGALRGLETFSQLVYQDSYGTFTINESTIIDSPRFSHRGILIDT
SRHYLPVKIILKTLDAMAFNKFNVLHWHIVDDQSFPYQSITFPELSNKGSYSLSHVYTPNDVRMVIEYARLRGIRVLPEF
DTPGHTLSWGKGQKDLLTPCYSRQNKLDSFGPINPTLNTTYSFLTTFFKEISEVFPDQFIHLGGDEVEFKCWESNPKIQD
FMRQKGFGTDFKKLESFYIQKVLDIIATINKGSIVWQEVFDDKAKLAPGTIVEVWKDSAYPEELSRVTASGFPVILSAPW
YLDLISYGQDWRKYYKVEPLDFGGTQKQKQLFIGGEACLWGEYVDATNLTPRLWPRASAVGERLWSSKDVRDMDDAYDRL
TRHRCRMVERGIAAQPLYAGYCNHENM
;
_entity_poly.pdbx_strand_id   A,B
#
loop_
_chem_comp.id
_chem_comp.type
_chem_comp.name
_chem_comp.formula
GOL non-polymer GLYCEROL 'C3 H8 O3'
IFG non-polymer (2R,3R,4S,5R)-2-ACETAMIDO-3,4-DIHYDROXY-5-HYDROXYMETHYL-PIPERIDINE 'C8 H16 N2 O4'
NAG D-saccharide, beta linking 2-acetamido-2-deoxy-beta-D-glucopyranose 'C8 H15 N O6'
SO4 non-polymer 'SULFATE ION' 'O4 S -2'
#
# COMPACT_ATOMS: atom_id res chain seq x y z
N ALA A 6 18.41 -4.44 27.45
CA ALA A 6 17.27 -5.25 26.90
C ALA A 6 17.35 -5.43 25.38
N LEU A 7 18.52 -5.83 24.92
CA LEU A 7 18.80 -6.02 23.50
C LEU A 7 18.53 -7.44 23.04
N TRP A 8 17.84 -7.56 21.89
CA TRP A 8 17.49 -8.86 21.33
C TRP A 8 17.32 -8.75 19.82
N PRO A 9 18.12 -9.46 19.01
CA PRO A 9 19.27 -10.26 19.43
C PRO A 9 20.42 -9.44 20.05
N LEU A 10 21.24 -10.08 20.89
CA LEU A 10 22.36 -9.37 21.51
C LEU A 10 23.38 -8.99 20.43
N PRO A 11 23.71 -7.70 20.28
CA PRO A 11 24.71 -7.29 19.29
C PRO A 11 26.08 -7.90 19.52
N LEU A 12 26.84 -8.03 18.44
CA LEU A 12 28.18 -8.59 18.48
C LEU A 12 29.01 -7.95 19.60
N SER A 13 29.07 -6.63 19.60
CA SER A 13 29.85 -5.88 20.58
C SER A 13 29.07 -4.69 21.10
N VAL A 14 28.90 -4.63 22.42
CA VAL A 14 28.17 -3.58 23.10
C VAL A 14 29.10 -3.04 24.19
N LYS A 15 29.33 -1.73 24.19
CA LYS A 15 30.14 -1.08 25.21
C LYS A 15 29.35 0.15 25.66
N MET A 16 29.05 0.25 26.95
CA MET A 16 28.26 1.35 27.50
C MET A 16 29.03 2.07 28.61
N THR A 17 28.63 3.32 28.86
CA THR A 17 29.14 4.09 29.99
C THR A 17 27.98 4.32 30.95
N PRO A 18 28.25 4.76 32.18
CA PRO A 18 27.16 5.14 33.11
C PRO A 18 26.51 6.50 32.83
N ASN A 19 27.00 7.23 31.84
CA ASN A 19 26.46 8.55 31.52
C ASN A 19 25.09 8.40 30.85
N LEU A 20 24.05 8.92 31.51
CA LEU A 20 22.70 8.88 30.96
C LEU A 20 22.42 10.14 30.17
N LEU A 21 21.76 9.98 29.05
CA LEU A 21 21.37 11.10 28.20
C LEU A 21 19.87 11.03 28.02
N HIS A 22 19.23 12.20 27.91
CA HIS A 22 17.80 12.29 27.72
C HIS A 22 17.40 12.60 26.28
N LEU A 23 16.15 12.26 25.96
CA LEU A 23 15.56 12.54 24.66
C LEU A 23 14.22 13.24 24.88
N ALA A 24 13.91 14.19 24.02
CA ALA A 24 12.67 14.94 24.03
C ALA A 24 11.88 14.55 22.77
N PRO A 25 10.77 13.84 22.89
CA PRO A 25 9.99 13.39 21.73
C PRO A 25 9.74 14.40 20.61
N GLU A 26 9.31 15.63 20.88
CA GLU A 26 9.08 16.62 19.81
C GLU A 26 10.32 17.47 19.46
N ASN A 27 11.48 17.13 20.02
CA ASN A 27 12.77 17.74 19.68
C ASN A 27 13.86 16.67 19.49
N PHE A 28 13.46 15.52 18.94
CA PHE A 28 14.38 14.45 18.58
C PHE A 28 14.04 14.08 17.15
N TYR A 29 15.01 14.20 16.24
CA TYR A 29 14.82 13.91 14.82
C TYR A 29 15.83 12.87 14.40
N ILE A 30 15.43 11.99 13.48
CA ILE A 30 16.33 11.04 12.86
C ILE A 30 16.51 11.57 11.45
N SER A 31 17.75 11.81 11.02
CA SER A 31 17.99 12.38 9.71
C SER A 31 19.25 11.87 9.05
N HIS A 32 19.39 12.20 7.76
CA HIS A 32 20.55 11.77 6.97
C HIS A 32 21.76 12.62 7.29
N SER A 33 22.91 11.98 7.50
CA SER A 33 24.15 12.71 7.73
C SER A 33 24.53 13.39 6.41
N PRO A 34 25.14 14.58 6.47
CA PRO A 34 25.49 15.28 5.23
C PRO A 34 26.37 14.50 4.24
N ASN A 35 27.23 13.61 4.74
CA ASN A 35 28.08 12.78 3.90
C ASN A 35 27.44 11.47 3.41
N SER A 36 26.20 11.17 3.83
CA SER A 36 25.55 9.89 3.46
C SER A 36 25.31 9.79 1.98
N THR A 37 25.32 8.58 1.45
CA THR A 37 24.94 8.35 0.06
C THR A 37 23.44 8.38 -0.11
N ALA A 38 22.68 8.32 0.99
CA ALA A 38 21.23 8.37 0.93
C ALA A 38 20.74 9.74 1.35
N GLY A 39 19.55 10.10 0.87
CA GLY A 39 18.91 11.37 1.20
C GLY A 39 17.40 11.22 1.24
N PRO A 40 16.67 12.35 1.26
CA PRO A 40 15.19 12.36 1.27
C PRO A 40 14.52 11.52 0.18
N SER A 41 15.16 11.35 -0.97
CA SER A 41 14.68 10.46 -2.04
C SER A 41 14.60 9.01 -1.61
N CYS A 42 15.37 8.62 -0.59
CA CYS A 42 15.38 7.24 -0.13
C CYS A 42 14.15 6.93 0.71
N THR A 43 13.12 6.41 0.04
CA THR A 43 11.87 6.04 0.69
C THR A 43 12.06 5.07 1.84
N LEU A 44 12.87 4.04 1.62
CA LEU A 44 13.09 3.03 2.63
C LEU A 44 13.59 3.62 3.93
N LEU A 45 14.59 4.48 3.87
CA LEU A 45 15.07 5.14 5.09
C LEU A 45 14.12 6.16 5.67
N GLU A 46 13.41 6.93 4.83
CA GLU A 46 12.46 7.92 5.34
C GLU A 46 11.31 7.28 6.10
N GLU A 47 10.77 6.19 5.56
CA GLU A 47 9.69 5.47 6.23
C GLU A 47 10.19 4.84 7.53
N ALA A 48 11.40 4.28 7.53
CA ALA A 48 12.00 3.72 8.74
C ALA A 48 12.22 4.77 9.82
N PHE A 49 12.66 5.96 9.42
CA PHE A 49 12.86 7.05 10.38
C PHE A 49 11.53 7.34 11.07
N ARG A 50 10.46 7.46 10.29
CA ARG A 50 9.17 7.77 10.86
C ARG A 50 8.62 6.67 11.78
N ARG A 51 8.68 5.41 11.38
CA ARG A 51 8.11 4.35 12.23
C ARG A 51 8.94 4.09 13.49
N TYR A 52 10.25 4.30 13.42
CA TYR A 52 11.10 4.16 14.59
C TYR A 52 10.94 5.33 15.55
N HIS A 53 10.67 6.51 15.02
CA HIS A 53 10.32 7.62 15.89
C HIS A 53 9.09 7.24 16.73
N GLY A 54 8.09 6.65 16.11
CA GLY A 54 6.90 6.17 16.81
C GLY A 54 7.17 5.05 17.81
N TYR A 55 8.02 4.09 17.45
CA TYR A 55 8.41 3.02 18.37
C TYR A 55 9.21 3.51 19.59
N ILE A 56 10.15 4.41 19.36
CA ILE A 56 10.98 4.97 20.43
C ILE A 56 10.16 5.64 21.51
N PHE A 57 9.21 6.47 21.09
CA PHE A 57 8.43 7.25 22.03
C PHE A 57 7.07 6.61 22.27
N GLY A 58 6.18 6.65 21.29
CA GLY A 58 4.86 6.05 21.41
C GLY A 58 4.02 6.55 22.58
N THR A 73 23.77 16.61 28.04
CA THR A 73 22.80 15.61 28.60
C THR A 73 21.69 15.22 27.61
N GLN A 74 21.41 16.06 26.60
CA GLN A 74 20.39 15.75 25.60
C GLN A 74 20.92 15.17 24.27
N VAL A 75 20.37 14.02 23.85
CA VAL A 75 20.60 13.52 22.51
C VAL A 75 19.54 14.23 21.69
N GLN A 76 19.97 15.18 20.87
CA GLN A 76 19.06 15.96 20.04
C GLN A 76 18.69 15.29 18.73
N GLN A 77 19.55 14.41 18.22
CA GLN A 77 19.41 13.93 16.85
C GLN A 77 20.11 12.58 16.67
N LEU A 78 19.59 11.72 15.80
CA LEU A 78 20.28 10.51 15.37
C LEU A 78 20.60 10.68 13.90
N LEU A 79 21.88 10.83 13.56
CA LEU A 79 22.31 10.97 12.17
C LEU A 79 22.61 9.58 11.61
N VAL A 80 22.12 9.32 10.41
CA VAL A 80 22.26 8.04 9.74
C VAL A 80 23.15 8.24 8.51
N SER A 81 24.30 7.59 8.52
CA SER A 81 25.27 7.72 7.45
C SER A 81 25.40 6.42 6.66
N ILE A 82 25.04 6.44 5.39
CA ILE A 82 25.27 5.29 4.53
C ILE A 82 26.58 5.58 3.77
N THR A 83 27.53 4.65 3.89
CA THR A 83 28.91 4.82 3.39
C THR A 83 29.11 4.46 1.90
N LEU A 84 28.52 3.35 1.45
CA LEU A 84 28.65 2.92 0.05
C LEU A 84 27.36 3.22 -0.67
N GLN A 85 27.29 2.92 -1.98
CA GLN A 85 26.02 2.97 -2.72
C GLN A 85 24.96 2.34 -1.82
N SER A 86 23.88 3.08 -1.56
CA SER A 86 22.97 2.71 -0.50
C SER A 86 22.15 1.44 -0.72
N GLU A 87 21.84 1.14 -1.99
CA GLU A 87 20.95 0.05 -2.39
C GLU A 87 19.51 0.32 -1.89
N CYS A 88 19.17 1.60 -1.74
CA CYS A 88 17.85 2.03 -1.24
C CYS A 88 16.69 1.55 -2.09
N ASP A 89 16.86 1.51 -3.41
CA ASP A 89 15.78 1.10 -4.31
C ASP A 89 15.89 -0.36 -4.78
N ALA A 90 16.74 -1.15 -4.15
CA ALA A 90 16.96 -2.53 -4.54
C ALA A 90 16.26 -3.47 -3.57
N PHE A 91 16.23 -4.73 -3.96
CA PHE A 91 15.72 -5.81 -3.11
C PHE A 91 16.91 -6.46 -2.38
N PRO A 92 16.78 -6.85 -1.13
CA PRO A 92 17.89 -7.53 -0.43
C PRO A 92 18.13 -8.92 -1.02
N ASN A 93 19.34 -9.43 -0.85
CA ASN A 93 19.69 -10.75 -1.32
C ASN A 93 20.55 -11.42 -0.27
N ILE A 94 20.95 -12.65 -0.52
CA ILE A 94 21.74 -13.41 0.45
C ILE A 94 23.07 -12.73 0.81
N SER A 95 23.67 -12.00 -0.11
CA SER A 95 24.93 -11.32 0.20
C SER A 95 24.79 -9.89 0.77
N SER A 96 23.57 -9.39 0.99
CA SER A 96 23.39 -8.01 1.49
C SER A 96 24.12 -7.77 2.78
N ASP A 97 24.79 -6.62 2.87
CA ASP A 97 25.59 -6.25 4.02
C ASP A 97 24.68 -5.61 5.07
N GLU A 98 24.49 -6.31 6.18
CA GLU A 98 23.67 -5.87 7.29
C GLU A 98 24.48 -5.33 8.45
N SER A 99 25.79 -5.08 8.25
CA SER A 99 26.63 -4.52 9.31
C SER A 99 26.35 -3.05 9.57
N TYR A 100 26.59 -2.63 10.81
CA TYR A 100 26.46 -1.24 11.21
C TYR A 100 27.24 -0.98 12.48
N THR A 101 27.45 0.29 12.77
CA THR A 101 27.91 0.72 14.07
C THR A 101 26.94 1.80 14.55
N LEU A 102 26.80 1.90 15.86
CA LEU A 102 25.95 2.89 16.47
C LEU A 102 26.72 3.58 17.60
N LEU A 103 26.85 4.90 17.50
CA LEU A 103 27.53 5.70 18.52
C LEU A 103 26.51 6.61 19.18
N VAL A 104 26.16 6.29 20.42
CA VAL A 104 25.17 7.07 21.16
C VAL A 104 25.95 8.04 22.01
N LYS A 105 25.80 9.33 21.74
CA LYS A 105 26.46 10.40 22.46
C LYS A 105 25.65 11.68 22.26
N GLU A 106 26.02 12.71 23.00
CA GLU A 106 25.37 14.02 22.95
C GLU A 106 26.27 14.99 22.17
N PRO A 107 25.71 15.96 21.46
CA PRO A 107 24.27 16.10 21.21
C PRO A 107 23.72 15.26 20.05
N VAL A 108 24.58 14.61 19.27
CA VAL A 108 24.18 13.91 18.06
C VAL A 108 24.71 12.49 18.08
N ALA A 109 23.81 11.52 18.08
CA ALA A 109 24.18 10.12 17.96
C ALA A 109 24.36 9.81 16.47
N VAL A 110 25.13 8.78 16.16
CA VAL A 110 25.42 8.46 14.77
C VAL A 110 25.26 6.96 14.52
N LEU A 111 24.50 6.63 13.48
CA LEU A 111 24.35 5.27 13.00
C LEU A 111 25.03 5.24 11.64
N LYS A 112 26.02 4.38 11.50
CA LYS A 112 26.81 4.29 10.28
C LYS A 112 26.67 2.89 9.77
N ALA A 113 26.44 2.75 8.45
CA ALA A 113 26.32 1.45 7.82
C ALA A 113 26.77 1.50 6.36
N ASN A 114 27.38 0.44 5.88
CA ASN A 114 27.75 0.35 4.47
C ASN A 114 26.55 0.55 3.55
N ARG A 115 25.44 -0.07 3.90
CA ARG A 115 24.23 -0.04 3.11
C ARG A 115 23.01 0.24 3.98
N VAL A 116 21.92 0.49 3.29
CA VAL A 116 20.62 0.66 3.89
C VAL A 116 20.20 -0.51 4.84
N TRP A 117 20.57 -1.73 4.46
CA TRP A 117 20.20 -2.94 5.20
C TRP A 117 20.73 -2.90 6.64
N GLY A 118 21.96 -2.44 6.81
CA GLY A 118 22.55 -2.28 8.12
C GLY A 118 21.93 -1.15 8.93
N ALA A 119 21.57 -0.06 8.27
CA ALA A 119 20.92 1.03 8.96
C ALA A 119 19.58 0.58 9.52
N LEU A 120 18.84 -0.23 8.78
CA LEU A 120 17.58 -0.76 9.27
C LEU A 120 17.78 -1.55 10.53
N ARG A 121 18.76 -2.44 10.52
CA ARG A 121 19.10 -3.21 11.71
C ARG A 121 19.48 -2.29 12.86
N GLY A 122 20.33 -1.30 12.59
CA GLY A 122 20.74 -0.35 13.61
C GLY A 122 19.64 0.53 14.20
N LEU A 123 18.64 0.87 13.40
CA LEU A 123 17.49 1.62 13.92
C LEU A 123 16.72 0.77 14.95
N GLU A 124 16.58 -0.52 14.69
CA GLU A 124 15.94 -1.44 15.65
C GLU A 124 16.73 -1.47 16.97
N THR A 125 18.04 -1.65 16.88
CA THR A 125 18.89 -1.68 18.06
C THR A 125 18.80 -0.37 18.86
N PHE A 126 18.88 0.77 18.15
CA PHE A 126 18.74 2.06 18.80
C PHE A 126 17.43 2.16 19.57
N SER A 127 16.32 1.69 18.98
CA SER A 127 15.02 1.72 19.66
C SER A 127 15.00 0.85 20.90
N GLN A 128 15.81 -0.22 20.91
CA GLN A 128 15.88 -1.11 22.08
C GLN A 128 16.73 -0.51 23.19
N LEU A 129 17.55 0.50 22.89
CA LEU A 129 18.37 1.15 23.91
C LEU A 129 17.63 2.26 24.66
N VAL A 130 16.64 2.89 24.01
CA VAL A 130 15.91 3.97 24.66
C VAL A 130 14.89 3.39 25.64
N TYR A 131 14.81 3.95 26.84
CA TYR A 131 13.82 3.51 27.84
C TYR A 131 13.33 4.70 28.65
N GLN A 132 12.24 4.49 29.38
CA GLN A 132 11.70 5.50 30.27
C GLN A 132 12.07 5.15 31.72
N ASP A 133 12.60 6.10 32.47
CA ASP A 133 12.92 5.84 33.89
C ASP A 133 11.63 5.80 34.73
N SER A 134 11.76 5.72 36.06
CA SER A 134 10.60 5.64 36.94
C SER A 134 9.66 6.84 36.88
N TYR A 135 10.15 8.00 36.45
CA TYR A 135 9.34 9.20 36.33
C TYR A 135 8.87 9.49 34.90
N GLY A 136 9.04 8.54 33.99
CA GLY A 136 8.65 8.71 32.60
C GLY A 136 9.68 9.39 31.69
N THR A 137 10.85 9.74 32.23
CA THR A 137 11.87 10.41 31.43
C THR A 137 12.51 9.47 30.41
N PHE A 138 12.47 9.88 29.14
CA PHE A 138 13.10 9.10 28.07
C PHE A 138 14.59 9.21 28.27
N THR A 139 15.26 8.06 28.30
CA THR A 139 16.66 7.97 28.66
C THR A 139 17.39 6.96 27.79
N ILE A 140 18.69 7.20 27.59
CA ILE A 140 19.58 6.29 26.89
C ILE A 140 21.00 6.42 27.42
N ASN A 141 21.70 5.30 27.56
CA ASN A 141 23.10 5.32 27.99
C ASN A 141 24.03 5.68 26.84
N GLU A 142 25.09 6.44 27.12
CA GLU A 142 26.16 6.64 26.13
C GLU A 142 26.71 5.26 25.80
N SER A 143 26.89 4.97 24.52
CA SER A 143 27.34 3.64 24.15
C SER A 143 27.83 3.57 22.73
N THR A 144 28.53 2.47 22.48
CA THR A 144 29.10 2.16 21.20
C THR A 144 28.72 0.72 20.91
N ILE A 145 28.07 0.50 19.77
CA ILE A 145 27.73 -0.83 19.34
C ILE A 145 28.32 -1.11 17.96
N ILE A 146 28.90 -2.30 17.81
CA ILE A 146 29.42 -2.80 16.55
C ILE A 146 28.64 -4.10 16.36
N ASP A 147 28.06 -4.30 15.18
CA ASP A 147 27.18 -5.44 14.98
C ASP A 147 27.11 -5.89 13.53
N SER A 148 26.95 -7.19 13.34
CA SER A 148 26.78 -7.82 12.03
C SER A 148 26.33 -9.26 12.32
N PRO A 149 25.57 -9.87 11.42
CA PRO A 149 24.96 -11.16 11.71
C PRO A 149 25.90 -12.34 11.55
N ARG A 150 25.70 -13.35 12.37
CA ARG A 150 26.46 -14.59 12.25
C ARG A 150 26.14 -15.35 10.94
N PHE A 151 24.88 -15.38 10.55
CA PHE A 151 24.43 -16.04 9.32
C PHE A 151 23.55 -15.10 8.51
N SER A 152 23.60 -15.21 7.19
CA SER A 152 22.89 -14.29 6.30
C SER A 152 21.47 -14.70 5.93
N HIS A 153 21.15 -16.00 6.05
CA HIS A 153 19.80 -16.51 5.81
C HIS A 153 19.11 -16.76 7.17
N ARG A 154 18.18 -15.90 7.53
CA ARG A 154 17.50 -15.98 8.80
C ARG A 154 16.01 -15.92 8.50
N GLY A 155 15.40 -17.10 8.37
CA GLY A 155 14.04 -17.18 7.91
C GLY A 155 12.92 -17.60 8.83
N ILE A 156 11.72 -17.23 8.42
CA ILE A 156 10.47 -17.67 9.03
C ILE A 156 9.69 -18.29 7.90
N LEU A 157 9.20 -19.50 8.10
CA LEU A 157 8.31 -20.13 7.14
C LEU A 157 6.89 -19.97 7.61
N ILE A 158 6.05 -19.45 6.72
CA ILE A 158 4.62 -19.37 6.96
C ILE A 158 3.98 -20.24 5.88
N ASP A 159 2.81 -20.79 6.21
CA ASP A 159 2.07 -21.73 5.38
C ASP A 159 0.69 -21.14 5.16
N THR A 160 0.43 -20.66 3.94
CA THR A 160 -0.88 -20.09 3.64
C THR A 160 -1.80 -21.00 2.83
N SER A 161 -1.51 -22.30 2.79
CA SER A 161 -2.33 -23.29 2.10
C SER A 161 -3.18 -24.08 3.09
N ARG A 162 -2.54 -24.59 4.14
CA ARG A 162 -3.26 -25.37 5.16
C ARG A 162 -4.35 -24.49 5.79
N HIS A 163 -4.04 -23.21 5.93
CA HIS A 163 -5.04 -22.20 6.25
C HIS A 163 -4.64 -20.95 5.50
N TYR A 164 -5.61 -20.23 4.96
CA TYR A 164 -5.34 -18.96 4.35
C TYR A 164 -4.99 -17.97 5.47
N LEU A 165 -4.01 -17.10 5.27
CA LEU A 165 -3.69 -16.05 6.22
C LEU A 165 -4.01 -14.69 5.58
N PRO A 166 -4.84 -13.86 6.19
CA PRO A 166 -5.11 -12.56 5.59
C PRO A 166 -3.83 -11.76 5.44
N VAL A 167 -3.80 -10.91 4.43
CA VAL A 167 -2.62 -10.11 4.17
C VAL A 167 -2.15 -9.36 5.43
N LYS A 168 -3.09 -8.84 6.22
CA LYS A 168 -2.74 -8.08 7.43
C LYS A 168 -1.90 -8.85 8.44
N ILE A 169 -2.17 -10.14 8.63
CA ILE A 169 -1.35 -10.91 9.54
C ILE A 169 0.02 -11.24 8.94
N ILE A 170 0.11 -11.27 7.60
CA ILE A 170 1.43 -11.46 6.98
C ILE A 170 2.23 -10.19 7.22
N LEU A 171 1.60 -9.01 7.09
CA LEU A 171 2.29 -7.76 7.35
C LEU A 171 2.72 -7.67 8.81
N LYS A 172 1.86 -8.08 9.74
CA LYS A 172 2.23 -8.11 11.16
C LYS A 172 3.43 -9.02 11.41
N THR A 173 3.45 -10.18 10.75
CA THR A 173 4.54 -11.11 10.89
C THR A 173 5.84 -10.46 10.41
N LEU A 174 5.78 -9.73 9.30
CA LEU A 174 6.94 -9.00 8.80
C LEU A 174 7.43 -7.93 9.78
N ASP A 175 6.51 -7.28 10.48
CA ASP A 175 6.90 -6.29 11.49
C ASP A 175 7.64 -6.97 12.63
N ALA A 176 7.09 -8.07 13.14
CA ALA A 176 7.74 -8.83 14.19
C ALA A 176 9.09 -9.38 13.74
N MET A 177 9.19 -9.77 12.48
CA MET A 177 10.45 -10.24 11.94
C MET A 177 11.51 -9.15 12.02
N ALA A 178 11.15 -7.92 11.66
CA ALA A 178 12.07 -6.78 11.71
C ALA A 178 12.54 -6.52 13.13
N PHE A 179 11.64 -6.58 14.10
CA PHE A 179 11.99 -6.40 15.53
C PHE A 179 12.98 -7.45 16.02
N ASN A 180 12.95 -8.61 15.38
CA ASN A 180 13.83 -9.72 15.68
C ASN A 180 15.03 -9.91 14.73
N LYS A 181 15.18 -9.01 13.77
CA LYS A 181 16.23 -9.06 12.74
C LYS A 181 16.22 -10.32 11.84
N PHE A 182 15.02 -10.89 11.62
CA PHE A 182 14.87 -11.96 10.65
C PHE A 182 14.88 -11.24 9.29
N ASN A 183 15.40 -11.91 8.26
CA ASN A 183 15.50 -11.29 6.93
C ASN A 183 14.96 -12.10 5.76
N VAL A 184 14.32 -13.23 6.01
CA VAL A 184 13.71 -14.03 4.94
C VAL A 184 12.32 -14.48 5.36
N LEU A 185 11.32 -14.17 4.54
CA LEU A 185 9.98 -14.75 4.68
C LEU A 185 9.88 -15.90 3.67
N HIS A 186 9.93 -17.13 4.17
CA HIS A 186 9.74 -18.33 3.33
C HIS A 186 8.23 -18.51 3.24
N TRP A 187 7.67 -18.07 2.12
CA TRP A 187 6.23 -18.14 1.91
C TRP A 187 5.85 -19.46 1.24
N HIS A 188 5.42 -20.41 2.06
CA HIS A 188 4.92 -21.69 1.56
C HIS A 188 3.49 -21.40 1.14
N ILE A 189 3.36 -20.92 -0.09
CA ILE A 189 2.12 -20.29 -0.54
C ILE A 189 1.00 -21.24 -0.93
N VAL A 190 1.36 -22.37 -1.52
CA VAL A 190 0.39 -23.36 -1.96
C VAL A 190 0.77 -24.74 -1.43
N ASP A 191 -0.20 -25.63 -1.39
CA ASP A 191 0.01 -27.01 -0.93
C ASP A 191 -1.22 -27.82 -1.35
N ASP A 192 -1.41 -29.01 -0.76
CA ASP A 192 -2.52 -29.90 -1.12
C ASP A 192 -3.91 -29.33 -0.90
N GLN A 193 -4.10 -28.73 0.27
CA GLN A 193 -5.42 -28.32 0.70
C GLN A 193 -5.99 -27.10 -0.03
N SER A 194 -5.13 -26.18 -0.46
CA SER A 194 -5.61 -25.01 -1.20
C SER A 194 -4.52 -24.35 -2.02
N PHE A 195 -4.95 -23.60 -3.03
CA PHE A 195 -4.10 -22.86 -3.95
C PHE A 195 -4.56 -21.40 -3.96
N PRO A 196 -4.18 -20.60 -2.97
CA PRO A 196 -4.57 -19.19 -2.94
C PRO A 196 -3.77 -18.25 -3.89
N TYR A 197 -2.66 -18.70 -4.45
CA TYR A 197 -1.89 -17.84 -5.37
C TYR A 197 -2.66 -17.58 -6.65
N GLN A 198 -3.06 -16.33 -6.89
CA GLN A 198 -3.74 -16.01 -8.14
C GLN A 198 -2.70 -15.83 -9.24
N SER A 199 -2.68 -16.78 -10.16
CA SER A 199 -1.77 -16.73 -11.29
C SER A 199 -2.43 -15.99 -12.44
N ILE A 200 -1.69 -15.08 -13.04
CA ILE A 200 -2.18 -14.32 -14.21
C ILE A 200 -2.28 -15.20 -15.46
N THR A 201 -1.24 -15.98 -15.73
CA THR A 201 -1.21 -16.84 -16.92
C THR A 201 -2.12 -18.04 -16.79
N PHE A 202 -2.37 -18.50 -15.55
CA PHE A 202 -3.24 -19.63 -15.28
C PHE A 202 -4.32 -19.25 -14.25
N PRO A 203 -5.34 -18.50 -14.67
CA PRO A 203 -6.39 -18.05 -13.73
C PRO A 203 -7.15 -19.17 -13.01
N GLU A 204 -7.29 -20.31 -13.66
CA GLU A 204 -8.01 -21.42 -13.09
C GLU A 204 -7.34 -22.07 -11.90
N LEU A 205 -6.04 -21.91 -11.72
CA LEU A 205 -5.38 -22.52 -10.56
C LEU A 205 -6.02 -22.04 -9.27
N SER A 206 -6.12 -20.72 -9.09
CA SER A 206 -6.76 -20.19 -7.90
C SER A 206 -8.30 -20.27 -7.96
N ASN A 207 -8.89 -19.99 -9.13
CA ASN A 207 -10.35 -20.02 -9.25
C ASN A 207 -10.94 -21.35 -8.78
N LYS A 208 -10.27 -22.45 -9.13
CA LYS A 208 -10.73 -23.79 -8.77
C LYS A 208 -10.03 -24.39 -7.55
N GLY A 209 -8.82 -23.92 -7.23
CA GLY A 209 -8.03 -24.47 -6.15
C GLY A 209 -8.06 -23.74 -4.82
N SER A 210 -8.57 -22.51 -4.78
CA SER A 210 -8.63 -21.76 -3.53
C SER A 210 -9.75 -22.31 -2.65
N TYR A 211 -9.70 -22.01 -1.37
CA TYR A 211 -10.76 -22.39 -0.44
C TYR A 211 -12.05 -21.68 -0.84
N SER A 212 -11.93 -20.44 -1.25
CA SER A 212 -13.04 -19.68 -1.78
C SER A 212 -12.39 -18.51 -2.51
N LEU A 213 -13.20 -17.72 -3.20
CA LEU A 213 -12.67 -16.62 -4.01
C LEU A 213 -12.18 -15.45 -3.18
N SER A 214 -12.60 -15.39 -1.93
CA SER A 214 -12.08 -14.41 -0.98
C SER A 214 -10.87 -14.93 -0.19
N HIS A 215 -10.38 -16.14 -0.47
CA HIS A 215 -9.19 -16.69 0.17
C HIS A 215 -8.14 -16.83 -0.95
N VAL A 216 -7.74 -15.68 -1.48
CA VAL A 216 -6.82 -15.62 -2.61
C VAL A 216 -5.84 -14.44 -2.45
N TYR A 217 -4.61 -14.60 -2.92
CA TYR A 217 -3.63 -13.51 -2.93
C TYR A 217 -3.59 -12.99 -4.35
N THR A 218 -4.13 -11.80 -4.57
CA THR A 218 -4.15 -11.16 -5.88
C THR A 218 -2.74 -10.69 -6.22
N PRO A 219 -2.48 -10.38 -7.50
CA PRO A 219 -1.18 -9.82 -7.85
C PRO A 219 -0.82 -8.61 -6.99
N ASN A 220 -1.79 -7.74 -6.72
CA ASN A 220 -1.56 -6.61 -5.82
C ASN A 220 -1.27 -7.01 -4.36
N ASP A 221 -1.93 -8.05 -3.85
CA ASP A 221 -1.60 -8.55 -2.51
C ASP A 221 -0.13 -9.01 -2.43
N VAL A 222 0.31 -9.73 -3.45
CA VAL A 222 1.66 -10.24 -3.48
C VAL A 222 2.68 -9.08 -3.55
N ARG A 223 2.47 -8.10 -4.43
CA ARG A 223 3.35 -6.91 -4.51
C ARG A 223 3.43 -6.15 -3.19
N MET A 224 2.29 -5.99 -2.53
CA MET A 224 2.21 -5.33 -1.23
C MET A 224 3.07 -6.04 -0.19
N VAL A 225 3.00 -7.38 -0.15
CA VAL A 225 3.78 -8.16 0.79
C VAL A 225 5.26 -8.00 0.50
N ILE A 226 5.62 -8.17 -0.77
CA ILE A 226 7.00 -8.04 -1.22
C ILE A 226 7.59 -6.67 -0.87
N GLU A 227 6.85 -5.62 -1.21
CA GLU A 227 7.30 -4.25 -0.92
C GLU A 227 7.38 -3.95 0.59
N TYR A 228 6.34 -4.33 1.33
CA TYR A 228 6.35 -4.15 2.79
C TYR A 228 7.58 -4.84 3.40
N ALA A 229 7.87 -6.05 2.90
CA ALA A 229 9.05 -6.80 3.32
C ALA A 229 10.36 -6.08 2.96
N ARG A 230 10.43 -5.56 1.73
CA ARG A 230 11.61 -4.86 1.23
C ARG A 230 11.97 -3.65 2.10
N LEU A 231 10.94 -2.89 2.47
CA LEU A 231 11.09 -1.73 3.34
C LEU A 231 11.69 -2.07 4.72
N ARG A 232 11.61 -3.35 5.11
CA ARG A 232 12.21 -3.84 6.35
C ARG A 232 13.46 -4.70 6.15
N GLY A 233 14.03 -4.71 4.94
CA GLY A 233 15.19 -5.53 4.64
C GLY A 233 14.93 -7.02 4.61
N ILE A 234 13.69 -7.39 4.32
CA ILE A 234 13.30 -8.79 4.30
C ILE A 234 13.08 -9.28 2.88
N ARG A 235 13.66 -10.42 2.59
CA ARG A 235 13.49 -11.08 1.30
C ARG A 235 12.21 -11.93 1.33
N VAL A 236 11.44 -11.96 0.23
CA VAL A 236 10.29 -12.88 0.13
C VAL A 236 10.73 -14.05 -0.76
N LEU A 237 10.90 -15.22 -0.13
CA LEU A 237 11.32 -16.47 -0.79
C LEU A 237 10.06 -17.30 -1.09
N PRO A 238 9.59 -17.35 -2.33
CA PRO A 238 8.38 -18.12 -2.63
C PRO A 238 8.66 -19.61 -2.72
N GLU A 239 7.77 -20.42 -2.17
CA GLU A 239 7.85 -21.86 -2.37
C GLU A 239 6.60 -22.31 -3.10
N PHE A 240 6.81 -23.00 -4.22
CA PHE A 240 5.74 -23.61 -5.00
C PHE A 240 6.17 -25.06 -5.10
N ASP A 241 5.76 -25.80 -4.07
CA ASP A 241 6.17 -27.17 -3.87
C ASP A 241 5.61 -28.13 -4.93
N THR A 242 6.49 -28.91 -5.56
CA THR A 242 6.12 -29.98 -6.51
C THR A 242 7.20 -31.05 -6.35
N PRO A 243 7.02 -32.29 -6.82
CA PRO A 243 5.81 -32.83 -7.46
C PRO A 243 4.73 -33.27 -6.47
N GLY A 244 5.09 -33.51 -5.22
CA GLY A 244 4.12 -33.82 -4.18
C GLY A 244 3.58 -32.51 -3.65
N HIS A 245 2.64 -32.59 -2.72
CA HIS A 245 1.98 -31.43 -2.12
C HIS A 245 1.25 -30.56 -3.14
N THR A 246 0.74 -31.19 -4.21
CA THR A 246 0.08 -30.45 -5.30
C THR A 246 -1.39 -30.76 -5.56
N LEU A 247 -2.10 -31.38 -4.62
CA LEU A 247 -3.52 -31.74 -4.89
C LEU A 247 -4.39 -30.58 -5.35
N SER A 248 -4.24 -29.42 -4.72
CA SER A 248 -4.99 -28.23 -5.11
C SER A 248 -4.67 -27.76 -6.54
N TRP A 249 -3.49 -28.05 -7.03
CA TRP A 249 -3.10 -27.62 -8.37
C TRP A 249 -3.95 -28.31 -9.45
N GLY A 250 -4.31 -29.57 -9.20
CA GLY A 250 -5.06 -30.37 -10.14
C GLY A 250 -6.47 -29.91 -10.44
N LYS A 251 -7.09 -29.17 -9.52
CA LYS A 251 -8.43 -28.63 -9.73
C LYS A 251 -8.48 -27.75 -11.00
N GLY A 252 -7.50 -26.86 -11.14
CA GLY A 252 -7.43 -25.91 -12.24
C GLY A 252 -6.58 -26.29 -13.44
N GLN A 253 -5.60 -27.17 -13.25
CA GLN A 253 -4.75 -27.62 -14.36
C GLN A 253 -5.03 -29.10 -14.58
N LYS A 254 -5.85 -29.34 -15.59
CA LYS A 254 -6.28 -30.68 -15.99
C LYS A 254 -5.08 -31.48 -16.52
N ASP A 255 -5.10 -32.78 -16.26
CA ASP A 255 -4.04 -33.72 -16.65
C ASP A 255 -2.65 -33.47 -16.04
N LEU A 256 -2.56 -32.64 -15.01
CA LEU A 256 -1.28 -32.36 -14.37
C LEU A 256 -0.96 -33.47 -13.38
N LEU A 257 -1.92 -33.79 -12.51
CA LEU A 257 -1.71 -34.81 -11.48
C LEU A 257 -1.88 -36.22 -12.01
N THR A 258 -1.22 -37.17 -11.37
CA THR A 258 -1.33 -38.57 -11.71
C THR A 258 -2.63 -39.12 -11.12
N PRO A 259 -3.52 -39.70 -11.94
CA PRO A 259 -4.70 -40.38 -11.39
C PRO A 259 -4.25 -41.66 -10.66
N CYS A 260 -4.82 -41.94 -9.50
CA CYS A 260 -4.46 -43.13 -8.72
C CYS A 260 -5.45 -44.26 -9.02
N TYR A 261 -4.90 -45.46 -9.26
CA TYR A 261 -5.67 -46.67 -9.53
C TYR A 261 -5.76 -47.44 -8.22
N SER A 262 -6.83 -47.16 -7.48
CA SER A 262 -7.18 -47.74 -6.17
C SER A 262 -7.78 -46.53 -5.45
N LEU A 267 -4.09 -45.32 -3.31
CA LEU A 267 -5.23 -45.47 -2.37
C LEU A 267 -6.23 -44.32 -2.54
N ASP A 268 -5.70 -43.09 -2.51
CA ASP A 268 -6.50 -41.86 -2.74
C ASP A 268 -6.91 -41.69 -4.23
N SER A 269 -7.42 -40.51 -4.63
CA SER A 269 -7.90 -40.28 -6.00
C SER A 269 -6.81 -39.79 -6.98
N PHE A 270 -6.06 -38.78 -6.58
CA PHE A 270 -4.97 -38.21 -7.38
C PHE A 270 -3.71 -38.17 -6.54
N GLY A 271 -2.56 -38.43 -7.16
CA GLY A 271 -1.26 -38.40 -6.50
C GLY A 271 -0.40 -37.21 -6.94
N PRO A 272 0.93 -37.37 -6.90
CA PRO A 272 1.83 -36.27 -7.31
C PRO A 272 1.72 -35.91 -8.77
N ILE A 273 2.35 -34.80 -9.15
CA ILE A 273 2.38 -34.35 -10.54
C ILE A 273 2.91 -35.49 -11.41
N ASN A 274 2.33 -35.62 -12.59
CA ASN A 274 2.71 -36.63 -13.56
C ASN A 274 3.98 -36.15 -14.31
N PRO A 275 5.14 -36.78 -14.06
CA PRO A 275 6.40 -36.36 -14.69
C PRO A 275 6.73 -37.02 -16.04
N THR A 276 5.79 -37.74 -16.66
CA THR A 276 6.03 -38.39 -17.94
C THR A 276 5.51 -37.56 -19.12
N LEU A 277 4.65 -36.59 -18.85
CA LEU A 277 3.99 -35.80 -19.89
C LEU A 277 4.75 -34.53 -20.23
N ASN A 278 4.78 -34.20 -21.52
CA ASN A 278 5.39 -32.95 -21.98
C ASN A 278 4.54 -31.74 -21.57
N THR A 279 3.21 -31.94 -21.44
CA THR A 279 2.30 -30.87 -21.00
C THR A 279 2.63 -30.41 -19.59
N THR A 280 3.15 -31.32 -18.77
CA THR A 280 3.59 -30.98 -17.42
C THR A 280 4.72 -29.96 -17.45
N TYR A 281 5.78 -30.29 -18.21
CA TYR A 281 6.95 -29.41 -18.29
C TYR A 281 6.66 -28.11 -19.03
N SER A 282 5.77 -28.19 -20.03
CA SER A 282 5.29 -27.00 -20.73
C SER A 282 4.54 -26.10 -19.73
N PHE A 283 3.66 -26.70 -18.94
CA PHE A 283 2.94 -25.96 -17.90
C PHE A 283 3.92 -25.34 -16.88
N LEU A 284 4.84 -26.13 -16.37
CA LEU A 284 5.79 -25.65 -15.38
C LEU A 284 6.74 -24.56 -15.90
N THR A 285 7.06 -24.60 -17.19
CA THR A 285 7.91 -23.59 -17.82
C THR A 285 7.19 -22.25 -17.83
N THR A 286 5.96 -22.22 -18.32
CA THR A 286 5.15 -21.02 -18.33
C THR A 286 4.88 -20.55 -16.89
N PHE A 287 4.53 -21.46 -16.01
CA PHE A 287 4.26 -21.13 -14.62
C PHE A 287 5.47 -20.49 -13.91
N PHE A 288 6.62 -21.16 -13.94
CA PHE A 288 7.79 -20.60 -13.26
C PHE A 288 8.36 -19.33 -13.88
N LYS A 289 8.16 -19.17 -15.19
CA LYS A 289 8.53 -17.92 -15.84
C LYS A 289 7.73 -16.76 -15.21
N GLU A 290 6.43 -16.95 -14.99
CA GLU A 290 5.61 -15.95 -14.29
C GLU A 290 6.14 -15.70 -12.86
N ILE A 291 6.50 -16.76 -12.15
CA ILE A 291 7.03 -16.64 -10.80
C ILE A 291 8.33 -15.83 -10.80
N SER A 292 9.22 -16.08 -11.77
CA SER A 292 10.47 -15.33 -11.90
C SER A 292 10.25 -13.81 -12.06
N GLU A 293 9.10 -13.43 -12.59
CA GLU A 293 8.73 -12.04 -12.82
C GLU A 293 8.01 -11.43 -11.62
N VAL A 294 7.17 -12.21 -10.94
CA VAL A 294 6.41 -11.74 -9.79
C VAL A 294 7.29 -11.55 -8.54
N PHE A 295 8.15 -12.53 -8.27
CA PHE A 295 8.99 -12.56 -7.08
C PHE A 295 10.41 -12.13 -7.45
N PRO A 296 10.86 -10.95 -7.00
CA PRO A 296 12.21 -10.49 -7.34
C PRO A 296 13.34 -11.22 -6.65
N ASP A 297 13.11 -12.01 -5.62
CA ASP A 297 14.23 -12.72 -4.98
C ASP A 297 14.96 -13.63 -5.95
N GLN A 298 16.29 -13.72 -5.78
CA GLN A 298 17.13 -14.57 -6.62
C GLN A 298 16.76 -16.06 -6.55
N PHE A 299 16.18 -16.50 -5.44
CA PHE A 299 15.87 -17.88 -5.21
C PHE A 299 14.38 -18.20 -5.23
N ILE A 300 14.07 -19.40 -5.75
CA ILE A 300 12.73 -19.97 -5.71
C ILE A 300 12.91 -21.32 -5.04
N HIS A 301 12.04 -21.64 -4.10
CA HIS A 301 12.07 -22.89 -3.38
C HIS A 301 11.16 -23.84 -4.15
N LEU A 302 11.73 -24.92 -4.68
CA LEU A 302 10.99 -25.88 -5.47
C LEU A 302 10.37 -27.03 -4.71
N GLY A 303 10.64 -27.08 -3.42
CA GLY A 303 10.07 -28.08 -2.55
C GLY A 303 10.75 -29.42 -2.72
N GLY A 304 9.99 -30.42 -3.18
CA GLY A 304 10.49 -31.78 -3.37
C GLY A 304 10.35 -32.71 -2.16
N ASP A 305 9.65 -32.27 -1.12
CA ASP A 305 9.49 -33.11 0.08
C ASP A 305 8.36 -34.13 -0.02
N GLU A 306 8.51 -35.22 0.73
CA GLU A 306 7.47 -36.24 0.94
C GLU A 306 6.72 -36.74 -0.30
N VAL A 307 7.43 -36.97 -1.39
CA VAL A 307 6.77 -37.44 -2.59
C VAL A 307 6.35 -38.89 -2.35
N GLU A 308 5.08 -39.19 -2.62
CA GLU A 308 4.50 -40.53 -2.45
C GLU A 308 4.57 -41.24 -3.80
N PHE A 309 5.18 -42.42 -3.82
CA PHE A 309 5.34 -43.20 -5.06
C PHE A 309 4.20 -44.18 -5.40
N LYS A 310 3.40 -44.60 -4.42
CA LYS A 310 2.34 -45.62 -4.64
C LYS A 310 1.45 -45.33 -5.85
N CYS A 311 1.05 -44.09 -5.98
CA CYS A 311 0.25 -43.64 -7.10
C CYS A 311 0.98 -43.81 -8.43
N TRP A 312 2.26 -43.44 -8.45
CA TRP A 312 3.10 -43.64 -9.63
C TRP A 312 3.27 -45.14 -9.90
N GLU A 313 3.52 -45.92 -8.84
CA GLU A 313 3.66 -47.38 -8.90
C GLU A 313 2.42 -48.09 -9.48
N SER A 314 1.23 -47.62 -9.10
CA SER A 314 -0.03 -48.20 -9.55
C SER A 314 -0.50 -47.77 -10.94
N ASN A 315 0.19 -46.82 -11.58
CA ASN A 315 -0.24 -46.25 -12.86
C ASN A 315 0.41 -46.94 -14.06
N PRO A 316 -0.38 -47.58 -14.95
CA PRO A 316 0.19 -48.30 -16.10
C PRO A 316 1.03 -47.44 -17.06
N LYS A 317 0.57 -46.24 -17.36
CA LYS A 317 1.32 -45.34 -18.25
C LYS A 317 2.67 -44.93 -17.67
N ILE A 318 2.73 -44.74 -16.36
CA ILE A 318 3.99 -44.42 -15.69
C ILE A 318 4.92 -45.62 -15.73
N GLN A 319 4.37 -46.81 -15.47
CA GLN A 319 5.13 -48.06 -15.57
C GLN A 319 5.79 -48.21 -16.94
N ASP A 320 5.04 -47.87 -18.00
CA ASP A 320 5.57 -47.91 -19.35
C ASP A 320 6.73 -46.93 -19.50
N PHE A 321 6.55 -45.71 -19.00
CA PHE A 321 7.62 -44.70 -19.02
C PHE A 321 8.84 -45.16 -18.22
N MET A 322 8.62 -45.83 -17.08
CA MET A 322 9.71 -46.31 -16.25
C MET A 322 10.65 -47.27 -17.00
N ARG A 323 10.07 -48.23 -17.73
CA ARG A 323 10.90 -49.16 -18.50
C ARG A 323 11.49 -48.52 -19.76
N GLN A 324 10.83 -47.49 -20.31
CA GLN A 324 11.34 -46.76 -21.47
C GLN A 324 12.76 -46.18 -21.32
N LYS A 325 13.18 -45.85 -20.10
CA LYS A 325 14.57 -45.40 -19.86
C LYS A 325 15.27 -46.10 -18.68
N GLY A 326 14.89 -47.36 -18.44
CA GLY A 326 15.58 -48.23 -17.49
C GLY A 326 15.62 -47.88 -16.02
N PHE A 327 14.57 -47.22 -15.53
CA PHE A 327 14.50 -46.88 -14.11
C PHE A 327 14.08 -48.07 -13.23
N GLY A 328 13.64 -49.18 -13.85
CA GLY A 328 13.29 -50.39 -13.14
C GLY A 328 12.08 -50.17 -12.26
N THR A 329 12.24 -50.48 -10.98
CA THR A 329 11.23 -50.23 -9.96
C THR A 329 11.72 -49.16 -8.97
N ASP A 330 12.70 -48.34 -9.37
CA ASP A 330 13.29 -47.31 -8.50
C ASP A 330 12.64 -45.97 -8.82
N PHE A 331 11.57 -45.65 -8.10
CA PHE A 331 10.86 -44.39 -8.34
C PHE A 331 11.61 -43.12 -7.89
N LYS A 332 12.70 -43.27 -7.11
CA LYS A 332 13.58 -42.14 -6.80
C LYS A 332 14.23 -41.57 -8.07
N LYS A 333 14.49 -42.43 -9.05
CA LYS A 333 15.01 -42.02 -10.36
C LYS A 333 13.99 -41.21 -11.14
N LEU A 334 12.70 -41.53 -11.00
CA LEU A 334 11.63 -40.77 -11.65
C LEU A 334 11.45 -39.40 -10.99
N GLU A 335 11.53 -39.38 -9.66
CA GLU A 335 11.49 -38.14 -8.89
C GLU A 335 12.69 -37.28 -9.26
N SER A 336 13.87 -37.90 -9.33
CA SER A 336 15.10 -37.23 -9.74
C SER A 336 14.99 -36.67 -11.15
N PHE A 337 14.48 -37.48 -12.08
CA PHE A 337 14.25 -37.06 -13.45
C PHE A 337 13.35 -35.81 -13.51
N TYR A 338 12.26 -35.84 -12.75
CA TYR A 338 11.34 -34.72 -12.67
C TYR A 338 11.99 -33.47 -12.10
N ILE A 339 12.62 -33.60 -10.93
CA ILE A 339 13.19 -32.45 -10.25
C ILE A 339 14.33 -31.79 -11.02
N GLN A 340 15.12 -32.61 -11.74
CA GLN A 340 16.19 -32.12 -12.61
C GLN A 340 15.66 -31.28 -13.76
N LYS A 341 14.53 -31.68 -14.34
CA LYS A 341 13.88 -30.87 -15.37
C LYS A 341 13.36 -29.53 -14.82
N VAL A 342 12.89 -29.50 -13.57
CA VAL A 342 12.41 -28.24 -12.98
C VAL A 342 13.59 -27.33 -12.65
N LEU A 343 14.63 -27.91 -12.02
CA LEU A 343 15.86 -27.17 -11.72
C LEU A 343 16.43 -26.53 -12.99
N ASP A 344 16.39 -27.26 -14.11
CA ASP A 344 16.81 -26.71 -15.40
C ASP A 344 15.95 -25.55 -15.86
N ILE A 345 14.63 -25.65 -15.65
CA ILE A 345 13.74 -24.54 -16.00
C ILE A 345 14.10 -23.30 -15.19
N ILE A 346 14.38 -23.46 -13.89
CA ILE A 346 14.78 -22.34 -13.04
C ILE A 346 16.10 -21.72 -13.48
N ALA A 347 17.11 -22.55 -13.75
CA ALA A 347 18.41 -22.05 -14.25
C ALA A 347 18.27 -21.29 -15.56
N THR A 348 17.43 -21.79 -16.47
CA THR A 348 17.19 -21.13 -17.75
C THR A 348 16.60 -19.73 -17.60
N ILE A 349 15.78 -19.50 -16.57
CA ILE A 349 15.24 -18.15 -16.29
C ILE A 349 16.12 -17.35 -15.31
N ASN A 350 17.36 -17.79 -15.09
CA ASN A 350 18.36 -17.10 -14.29
C ASN A 350 18.00 -16.83 -12.83
N LYS A 351 17.41 -17.82 -12.19
CA LYS A 351 17.14 -17.78 -10.75
C LYS A 351 17.89 -18.96 -10.15
N GLY A 352 18.09 -18.93 -8.83
CA GLY A 352 18.68 -20.02 -8.08
C GLY A 352 17.57 -20.87 -7.47
N SER A 353 17.90 -22.10 -7.11
CA SER A 353 16.92 -23.02 -6.55
C SER A 353 17.26 -23.45 -5.14
N ILE A 354 16.21 -23.64 -4.34
CA ILE A 354 16.28 -24.21 -3.01
C ILE A 354 15.37 -25.43 -3.05
N VAL A 355 15.77 -26.45 -2.31
CA VAL A 355 15.14 -27.74 -2.37
C VAL A 355 15.14 -28.37 -0.95
N TRP A 356 14.05 -29.05 -0.56
CA TRP A 356 14.03 -29.82 0.70
C TRP A 356 14.97 -31.00 0.52
N GLN A 357 15.51 -31.52 1.62
CA GLN A 357 16.57 -32.53 1.58
C GLN A 357 16.31 -33.82 0.79
N GLU A 358 15.03 -34.21 0.66
CA GLU A 358 14.66 -35.45 -0.01
C GLU A 358 15.23 -35.52 -1.43
N VAL A 359 15.22 -34.38 -2.11
CA VAL A 359 15.78 -34.24 -3.45
C VAL A 359 17.26 -34.63 -3.45
N PHE A 360 17.99 -34.19 -2.44
CA PHE A 360 19.39 -34.55 -2.25
C PHE A 360 19.54 -36.02 -1.82
N ASP A 361 18.75 -36.45 -0.84
CA ASP A 361 18.80 -37.83 -0.31
C ASP A 361 18.46 -38.90 -1.33
N ASP A 362 17.54 -38.60 -2.25
CA ASP A 362 17.13 -39.50 -3.31
C ASP A 362 18.01 -39.43 -4.58
N LYS A 363 19.20 -38.84 -4.46
CA LYS A 363 20.25 -38.86 -5.49
C LYS A 363 19.99 -38.08 -6.78
N ALA A 364 19.31 -36.95 -6.66
CA ALA A 364 19.11 -36.09 -7.80
C ALA A 364 20.42 -35.37 -8.07
N LYS A 365 20.68 -35.13 -9.34
CA LYS A 365 21.87 -34.43 -9.76
C LYS A 365 21.54 -32.95 -9.70
N LEU A 366 22.16 -32.27 -8.74
CA LEU A 366 21.93 -30.85 -8.50
C LEU A 366 23.09 -30.04 -9.01
N ALA A 367 22.79 -28.94 -9.69
CA ALA A 367 23.81 -28.06 -10.20
C ALA A 367 24.47 -27.35 -9.04
N PRO A 368 25.73 -26.94 -9.19
CA PRO A 368 26.39 -26.15 -8.14
C PRO A 368 25.58 -24.91 -7.80
N GLY A 369 25.53 -24.53 -6.52
CA GLY A 369 24.76 -23.38 -6.08
C GLY A 369 23.36 -23.70 -5.56
N THR A 370 22.84 -24.89 -5.86
CA THR A 370 21.55 -25.33 -5.37
C THR A 370 21.60 -25.43 -3.84
N ILE A 371 20.71 -24.73 -3.17
CA ILE A 371 20.65 -24.76 -1.72
C ILE A 371 19.77 -25.91 -1.25
N VAL A 372 20.21 -26.62 -0.24
CA VAL A 372 19.44 -27.73 0.32
C VAL A 372 18.98 -27.32 1.71
N GLU A 373 17.68 -27.49 1.97
CA GLU A 373 17.13 -27.17 3.27
C GLU A 373 16.92 -28.46 4.07
N VAL A 374 17.68 -28.61 5.15
CA VAL A 374 17.67 -29.79 5.99
C VAL A 374 16.61 -29.62 7.06
N TRP A 375 15.52 -30.39 6.92
CA TRP A 375 14.36 -30.29 7.81
C TRP A 375 14.02 -31.53 8.64
N LYS A 376 14.53 -32.71 8.28
CA LYS A 376 14.23 -33.92 9.02
C LYS A 376 15.06 -33.98 10.30
N ASP A 377 14.39 -34.20 11.43
CA ASP A 377 15.03 -34.17 12.75
C ASP A 377 15.93 -35.39 13.01
N SER A 378 15.74 -36.48 12.27
CA SER A 378 16.55 -37.70 12.38
C SER A 378 17.98 -37.56 11.82
N ALA A 379 18.96 -37.52 12.72
CA ALA A 379 20.37 -37.41 12.37
C ALA A 379 20.67 -36.21 11.47
N TYR A 380 20.08 -35.06 11.80
CA TYR A 380 20.29 -33.85 10.98
C TYR A 380 21.75 -33.39 10.89
N PRO A 381 22.54 -33.50 11.96
CA PRO A 381 23.97 -33.15 11.85
C PRO A 381 24.67 -33.99 10.80
N GLU A 382 24.37 -35.29 10.73
CA GLU A 382 24.96 -36.15 9.71
C GLU A 382 24.47 -35.70 8.32
N GLU A 383 23.20 -35.26 8.20
CA GLU A 383 22.71 -34.68 6.93
C GLU A 383 23.48 -33.43 6.56
N LEU A 384 23.71 -32.55 7.54
CA LEU A 384 24.49 -31.33 7.29
C LEU A 384 25.91 -31.63 6.78
N SER A 385 26.55 -32.68 7.30
CA SER A 385 27.87 -33.08 6.84
C SER A 385 27.85 -33.57 5.39
N ARG A 386 26.88 -34.44 5.06
CA ARG A 386 26.74 -34.99 3.70
C ARG A 386 26.52 -33.93 2.63
N VAL A 387 25.58 -33.03 2.90
CA VAL A 387 25.23 -31.95 1.97
C VAL A 387 26.43 -31.06 1.67
N THR A 388 27.10 -30.63 2.74
CA THR A 388 28.23 -29.74 2.62
C THR A 388 29.45 -30.44 2.03
N ALA A 389 29.65 -31.73 2.36
CA ALA A 389 30.74 -32.51 1.77
C ALA A 389 30.54 -32.66 0.26
N SER A 390 29.29 -32.67 -0.19
CA SER A 390 28.98 -32.67 -1.62
C SER A 390 29.12 -31.29 -2.28
N GLY A 391 29.49 -30.25 -1.51
CA GLY A 391 29.72 -28.92 -2.02
C GLY A 391 28.50 -27.99 -2.08
N PHE A 392 27.38 -28.38 -1.50
CA PHE A 392 26.17 -27.57 -1.58
C PHE A 392 25.96 -26.66 -0.37
N PRO A 393 25.51 -25.44 -0.62
CA PRO A 393 25.10 -24.57 0.49
C PRO A 393 23.89 -25.18 1.24
N VAL A 394 23.83 -25.01 2.54
CA VAL A 394 22.78 -25.64 3.34
C VAL A 394 22.11 -24.66 4.25
N ILE A 395 20.80 -24.85 4.44
CA ILE A 395 19.97 -24.11 5.40
C ILE A 395 19.36 -25.09 6.40
N LEU A 396 19.39 -24.80 7.68
CA LEU A 396 18.84 -25.70 8.71
C LEU A 396 17.49 -25.25 9.23
N SER A 397 16.51 -26.14 9.17
CA SER A 397 15.24 -25.91 9.85
C SER A 397 14.83 -27.05 10.80
N ALA A 398 15.51 -28.19 10.74
CA ALA A 398 15.13 -29.39 11.50
C ALA A 398 14.75 -29.25 12.96
N PRO A 399 15.58 -28.65 13.81
CA PRO A 399 15.23 -28.53 15.23
C PRO A 399 14.33 -27.33 15.52
N TRP A 400 13.87 -26.62 14.50
CA TRP A 400 13.09 -25.40 14.69
C TRP A 400 11.77 -25.49 13.99
N TYR A 401 11.08 -26.60 14.19
CA TYR A 401 9.72 -26.78 13.67
C TYR A 401 8.80 -26.26 14.77
N LEU A 402 8.45 -24.98 14.68
CA LEU A 402 7.65 -24.32 15.71
C LEU A 402 6.19 -24.76 15.71
N ASP A 403 5.72 -25.38 14.63
CA ASP A 403 4.39 -25.99 14.66
C ASP A 403 4.30 -27.16 15.67
N LEU A 404 5.43 -27.81 15.97
CA LEU A 404 5.50 -28.90 16.93
C LEU A 404 5.61 -28.34 18.35
N ILE A 405 4.46 -27.91 18.87
CA ILE A 405 4.33 -27.34 20.20
C ILE A 405 4.45 -28.38 21.30
N SER A 406 4.79 -27.94 22.49
CA SER A 406 4.89 -28.81 23.65
C SER A 406 4.79 -27.93 24.88
N TYR A 407 4.67 -28.58 26.02
CA TYR A 407 4.49 -27.89 27.28
C TYR A 407 5.77 -27.23 27.77
N GLY A 408 5.67 -25.98 28.20
CA GLY A 408 6.76 -25.34 28.89
C GLY A 408 7.63 -24.45 28.04
N GLN A 409 8.83 -24.22 28.55
CA GLN A 409 9.75 -23.29 27.94
C GLN A 409 10.57 -23.93 26.82
N ASP A 410 9.89 -24.25 25.71
CA ASP A 410 10.54 -24.85 24.56
C ASP A 410 11.40 -23.83 23.79
N TRP A 411 11.26 -22.53 24.08
CA TRP A 411 12.18 -21.54 23.54
C TRP A 411 13.64 -21.89 23.87
N ARG A 412 13.87 -22.45 25.07
CA ARG A 412 15.21 -22.81 25.52
C ARG A 412 15.84 -23.88 24.65
N LYS A 413 15.06 -24.87 24.25
CA LYS A 413 15.59 -25.92 23.36
C LYS A 413 15.93 -25.34 21.99
N TYR A 414 15.13 -24.40 21.46
CA TYR A 414 15.46 -23.76 20.18
C TYR A 414 16.73 -22.91 20.32
N TYR A 415 16.85 -22.25 21.46
CA TYR A 415 17.99 -21.41 21.77
C TYR A 415 19.29 -22.17 21.92
N LYS A 416 19.24 -23.35 22.54
CA LYS A 416 20.44 -24.14 22.79
C LYS A 416 21.05 -24.80 21.55
N VAL A 417 20.33 -24.85 20.44
CA VAL A 417 20.88 -25.41 19.23
C VAL A 417 22.15 -24.63 18.87
N GLU A 418 23.22 -25.36 18.57
CA GLU A 418 24.42 -24.77 18.01
C GLU A 418 24.50 -25.40 16.61
N PRO A 419 24.14 -24.64 15.56
CA PRO A 419 24.00 -25.22 14.22
C PRO A 419 25.26 -25.77 13.60
N LEU A 420 26.43 -25.24 13.95
CA LEU A 420 27.67 -25.74 13.37
C LEU A 420 28.26 -26.94 14.10
N ASP A 421 27.52 -27.55 15.04
CA ASP A 421 27.96 -28.79 15.68
C ASP A 421 27.57 -29.98 14.80
N PHE A 422 28.33 -30.14 13.72
CA PHE A 422 28.26 -31.29 12.85
C PHE A 422 29.70 -31.53 12.39
N GLY A 423 29.95 -32.73 11.91
CA GLY A 423 31.28 -33.11 11.48
C GLY A 423 31.60 -32.50 10.12
N GLY A 424 32.73 -31.82 10.04
CA GLY A 424 33.15 -31.26 8.77
C GLY A 424 34.27 -30.25 8.90
N THR A 425 34.92 -29.99 7.77
CA THR A 425 36.02 -29.03 7.70
C THR A 425 35.47 -27.61 7.70
N GLN A 426 36.33 -26.61 7.81
CA GLN A 426 35.92 -25.22 7.74
C GLN A 426 35.22 -24.84 6.44
N LYS A 427 35.66 -25.47 5.35
CA LYS A 427 35.07 -25.27 4.02
C LYS A 427 33.60 -25.70 4.03
N GLN A 428 33.34 -26.86 4.63
CA GLN A 428 31.97 -27.35 4.79
C GLN A 428 31.14 -26.44 5.69
N LYS A 429 31.75 -25.94 6.76
CA LYS A 429 31.07 -25.05 7.68
C LYS A 429 30.77 -23.68 7.07
N GLN A 430 31.59 -23.25 6.10
CA GLN A 430 31.29 -22.01 5.36
C GLN A 430 30.10 -22.17 4.41
N LEU A 431 29.78 -23.40 4.01
CA LEU A 431 28.59 -23.65 3.21
C LEU A 431 27.27 -23.56 4.01
N PHE A 432 27.34 -23.56 5.35
CA PHE A 432 26.16 -23.36 6.18
C PHE A 432 25.83 -21.87 6.15
N ILE A 433 24.76 -21.52 5.46
CA ILE A 433 24.40 -20.10 5.26
C ILE A 433 23.30 -19.58 6.19
N GLY A 434 22.67 -20.46 6.97
CA GLY A 434 21.69 -20.01 7.91
C GLY A 434 20.60 -21.02 8.21
N GLY A 435 19.44 -20.53 8.61
CA GLY A 435 18.36 -21.38 9.03
C GLY A 435 17.01 -20.72 9.03
N GLU A 436 15.98 -21.52 9.26
CA GLU A 436 14.62 -21.04 9.31
C GLU A 436 13.84 -21.68 10.46
N ALA A 437 12.97 -20.87 11.07
CA ALA A 437 12.00 -21.33 12.05
C ALA A 437 10.75 -21.58 11.21
N CYS A 438 10.19 -22.77 11.31
CA CYS A 438 9.08 -23.15 10.43
C CYS A 438 7.78 -23.28 11.19
N LEU A 439 6.75 -22.59 10.71
CA LEU A 439 5.42 -22.66 11.28
C LEU A 439 4.43 -23.22 10.26
N TRP A 440 4.44 -24.53 10.12
CA TRP A 440 3.51 -25.23 9.22
C TRP A 440 2.10 -24.98 9.71
N GLY A 441 1.17 -25.03 8.76
CA GLY A 441 -0.17 -24.53 8.96
C GLY A 441 -1.32 -25.44 9.28
N GLU A 442 -1.08 -26.74 9.48
CA GLU A 442 -2.19 -27.67 9.75
C GLU A 442 -3.07 -27.21 10.90
N TYR A 443 -2.44 -26.69 11.96
CA TYR A 443 -3.13 -26.29 13.17
C TYR A 443 -3.02 -24.79 13.44
N VAL A 444 -2.65 -24.02 12.42
CA VAL A 444 -2.42 -22.58 12.59
C VAL A 444 -3.20 -21.72 11.61
N ASP A 445 -3.87 -20.69 12.12
CA ASP A 445 -4.48 -19.67 11.26
C ASP A 445 -4.40 -18.32 11.98
N ALA A 446 -5.16 -17.33 11.51
CA ALA A 446 -5.13 -16.00 12.15
C ALA A 446 -5.44 -15.96 13.65
N THR A 447 -6.23 -16.92 14.15
CA THR A 447 -6.62 -16.92 15.56
C THR A 447 -5.45 -17.24 16.48
N ASN A 448 -4.46 -17.98 16.00
CA ASN A 448 -3.36 -18.42 16.86
C ASN A 448 -1.93 -18.29 16.35
N LEU A 449 -1.74 -17.75 15.14
CA LEU A 449 -0.41 -17.70 14.54
C LEU A 449 0.60 -16.93 15.39
N THR A 450 0.26 -15.70 15.74
CA THR A 450 1.19 -14.79 16.40
C THR A 450 1.68 -15.25 17.77
N PRO A 451 0.78 -15.60 18.69
CA PRO A 451 1.23 -16.12 19.98
C PRO A 451 2.02 -17.41 19.83
N ARG A 452 1.68 -18.26 18.87
CA ARG A 452 2.46 -19.47 18.67
C ARG A 452 3.86 -19.16 18.14
N LEU A 453 3.96 -18.17 17.25
CA LEU A 453 5.23 -17.84 16.60
C LEU A 453 6.19 -17.11 17.54
N TRP A 454 5.69 -16.08 18.20
CA TRP A 454 6.52 -15.21 19.00
C TRP A 454 6.18 -15.34 20.46
N PRO A 455 7.16 -15.38 21.37
CA PRO A 455 8.60 -15.23 21.13
C PRO A 455 9.40 -16.52 20.90
N ARG A 456 8.76 -17.66 20.63
CA ARG A 456 9.52 -18.88 20.37
C ARG A 456 10.52 -18.67 19.24
N ALA A 457 10.08 -18.02 18.15
CA ALA A 457 10.98 -17.71 17.03
C ALA A 457 12.10 -16.72 17.37
N SER A 458 11.91 -15.90 18.41
CA SER A 458 12.97 -15.01 18.85
C SER A 458 14.20 -15.77 19.31
N ALA A 459 13.99 -16.95 19.89
CA ALA A 459 15.11 -17.82 20.28
C ALA A 459 16.00 -18.17 19.08
N VAL A 460 15.38 -18.53 17.97
CA VAL A 460 16.08 -18.88 16.73
C VAL A 460 16.75 -17.65 16.13
N GLY A 461 16.04 -16.52 16.17
CA GLY A 461 16.56 -15.24 15.70
C GLY A 461 17.89 -14.85 16.36
N GLU A 462 18.02 -15.05 17.66
CA GLU A 462 19.27 -14.74 18.32
C GLU A 462 20.34 -15.76 17.96
N ARG A 463 19.98 -17.04 17.92
CA ARG A 463 20.94 -18.06 17.56
C ARG A 463 21.49 -17.82 16.16
N LEU A 464 20.67 -17.30 15.27
CA LEU A 464 21.11 -17.02 13.92
C LEU A 464 21.82 -15.67 13.72
N TRP A 465 21.54 -14.67 14.57
CA TRP A 465 22.18 -13.36 14.47
C TRP A 465 23.44 -13.27 15.32
N SER A 466 23.31 -13.54 16.61
CA SER A 466 24.38 -13.32 17.59
C SER A 466 25.54 -14.32 17.55
N SER A 467 26.63 -13.99 18.23
CA SER A 467 27.77 -14.88 18.33
C SER A 467 27.42 -16.23 18.94
N LYS A 468 28.17 -17.21 18.46
CA LYS A 468 28.09 -18.60 18.89
C LYS A 468 28.21 -18.74 20.39
N ASP A 469 29.07 -17.92 21.01
CA ASP A 469 29.24 -17.98 22.47
C ASP A 469 28.17 -17.28 23.32
N VAL A 470 27.19 -16.64 22.68
CA VAL A 470 26.07 -16.03 23.40
C VAL A 470 25.12 -17.17 23.73
N ARG A 471 25.27 -17.73 24.93
CA ARG A 471 24.39 -18.78 25.39
C ARG A 471 23.99 -18.83 26.85
N ASP A 472 24.27 -17.78 27.61
CA ASP A 472 23.85 -17.76 28.99
C ASP A 472 22.31 -17.76 29.09
N MET A 473 21.78 -18.81 29.70
CA MET A 473 20.34 -19.03 29.79
C MET A 473 19.61 -18.02 30.68
N ASP A 474 20.18 -17.68 31.82
CA ASP A 474 19.62 -16.67 32.70
C ASP A 474 19.56 -15.31 32.02
N ASP A 475 20.63 -14.93 31.33
CA ASP A 475 20.66 -13.65 30.65
C ASP A 475 19.68 -13.64 29.47
N ALA A 476 19.58 -14.78 28.78
CA ALA A 476 18.63 -14.92 27.68
C ALA A 476 17.18 -14.77 28.17
N TYR A 477 16.86 -15.39 29.29
CA TYR A 477 15.52 -15.25 29.86
C TYR A 477 15.26 -13.81 30.25
N ASP A 478 16.24 -13.15 30.88
CA ASP A 478 16.06 -11.76 31.31
C ASP A 478 15.79 -10.82 30.13
N ARG A 479 16.61 -10.89 29.09
CA ARG A 479 16.43 -10.06 27.90
C ARG A 479 15.20 -10.46 27.10
N LEU A 480 14.91 -11.76 26.98
CA LEU A 480 13.75 -12.17 26.19
C LEU A 480 12.37 -11.83 26.79
N THR A 481 12.21 -11.92 28.11
CA THR A 481 10.94 -11.51 28.74
C THR A 481 10.66 -10.03 28.46
N ARG A 482 11.71 -9.20 28.48
CA ARG A 482 11.55 -7.75 28.21
C ARG A 482 11.31 -7.49 26.72
N HIS A 483 12.04 -8.20 25.86
CA HIS A 483 11.85 -8.12 24.41
C HIS A 483 10.43 -8.53 24.05
N ARG A 484 9.94 -9.58 24.69
CA ARG A 484 8.57 -10.01 24.49
C ARG A 484 7.57 -8.93 24.92
N CYS A 485 7.81 -8.27 26.05
CA CYS A 485 6.95 -7.16 26.48
C CYS A 485 6.98 -6.02 25.47
N ARG A 486 8.16 -5.77 24.90
CA ARG A 486 8.32 -4.78 23.84
C ARG A 486 7.51 -5.14 22.61
N MET A 487 7.50 -6.42 22.23
CA MET A 487 6.66 -6.88 21.11
C MET A 487 5.16 -6.62 21.37
N VAL A 488 4.71 -6.91 22.58
CA VAL A 488 3.34 -6.66 22.97
C VAL A 488 3.01 -5.16 22.87
N GLU A 489 3.89 -4.30 23.40
CA GLU A 489 3.73 -2.84 23.31
C GLU A 489 3.59 -2.34 21.88
N ARG A 490 4.29 -2.98 20.95
CA ARG A 490 4.22 -2.62 19.54
C ARG A 490 3.09 -3.31 18.76
N GLY A 491 2.16 -3.99 19.43
CA GLY A 491 1.02 -4.61 18.77
C GLY A 491 1.20 -6.04 18.29
N ILE A 492 2.27 -6.71 18.71
CA ILE A 492 2.50 -8.11 18.35
C ILE A 492 2.14 -8.90 19.60
N ALA A 493 1.12 -9.74 19.52
CA ALA A 493 0.63 -10.48 20.69
C ALA A 493 1.49 -11.71 20.98
N ALA A 494 2.75 -11.47 21.35
CA ALA A 494 3.68 -12.54 21.68
C ALA A 494 3.29 -13.10 23.05
N GLN A 495 3.34 -14.42 23.17
CA GLN A 495 2.91 -15.11 24.38
C GLN A 495 3.95 -15.05 25.52
N PRO A 496 3.56 -15.34 26.76
CA PRO A 496 4.53 -15.31 27.86
C PRO A 496 5.60 -16.39 27.80
N LEU A 497 6.72 -16.13 28.45
CA LEU A 497 7.76 -17.14 28.64
C LEU A 497 7.45 -17.94 29.89
N TYR A 498 6.90 -17.28 30.90
CA TYR A 498 6.62 -17.88 32.20
C TYR A 498 5.72 -16.87 32.94
N ALA A 499 5.37 -17.17 34.19
CA ALA A 499 4.58 -16.27 35.03
C ALA A 499 5.22 -14.89 35.09
N GLY A 500 4.40 -13.88 35.28
CA GLY A 500 4.88 -12.51 35.34
C GLY A 500 3.90 -11.53 34.76
N TYR A 501 4.40 -10.35 34.44
CA TYR A 501 3.59 -9.29 33.86
C TYR A 501 4.49 -8.34 33.10
N CYS A 502 3.88 -7.55 32.24
CA CYS A 502 4.54 -6.50 31.50
C CYS A 502 4.13 -5.15 32.09
N ASN A 503 5.01 -4.17 31.92
CA ASN A 503 4.85 -2.74 32.30
C ASN A 503 5.57 -2.44 33.61
N ALA B 6 -33.18 3.38 -4.04
CA ALA B 6 -31.95 2.67 -3.60
C ALA B 6 -30.72 3.12 -4.38
N LEU B 7 -30.89 3.67 -5.57
CA LEU B 7 -29.79 4.13 -6.42
C LEU B 7 -29.37 5.58 -6.15
N TRP B 8 -28.05 5.81 -6.03
CA TRP B 8 -27.50 7.15 -5.79
C TRP B 8 -26.06 7.22 -6.31
N PRO B 9 -25.73 8.11 -7.25
CA PRO B 9 -26.66 8.98 -7.99
C PRO B 9 -27.63 8.23 -8.88
N LEU B 10 -28.79 8.82 -9.19
CA LEU B 10 -29.76 8.16 -10.06
C LEU B 10 -29.17 8.10 -11.49
N PRO B 11 -29.04 6.90 -12.07
CA PRO B 11 -28.52 6.78 -13.43
C PRO B 11 -29.38 7.46 -14.50
N LEU B 12 -28.74 7.75 -15.62
CA LEU B 12 -29.38 8.43 -16.73
C LEU B 12 -30.66 7.72 -17.16
N SER B 13 -30.57 6.41 -17.37
CA SER B 13 -31.70 5.60 -17.81
C SER B 13 -31.79 4.33 -16.99
N VAL B 14 -32.95 4.12 -16.36
CA VAL B 14 -33.21 2.93 -15.53
C VAL B 14 -34.53 2.27 -15.98
N LYS B 15 -34.45 1.01 -16.38
CA LYS B 15 -35.62 0.24 -16.76
C LYS B 15 -35.63 -1.01 -15.90
N MET B 16 -36.53 -1.03 -14.92
CA MET B 16 -36.69 -2.13 -13.97
C MET B 16 -37.92 -2.95 -14.33
N THR B 17 -37.87 -4.25 -14.06
CA THR B 17 -39.03 -5.14 -14.20
C THR B 17 -39.34 -5.67 -12.80
N PRO B 18 -40.49 -6.32 -12.61
CA PRO B 18 -40.79 -6.95 -11.33
C PRO B 18 -40.21 -8.37 -11.22
N ASN B 19 -39.47 -8.83 -12.23
CA ASN B 19 -38.91 -10.19 -12.22
C ASN B 19 -37.70 -10.25 -11.28
N LEU B 20 -37.81 -11.00 -10.18
CA LEU B 20 -36.74 -11.14 -9.21
C LEU B 20 -35.82 -12.29 -9.54
N LEU B 21 -34.53 -12.09 -9.27
CA LEU B 21 -33.52 -13.13 -9.41
C LEU B 21 -32.81 -13.24 -8.06
N HIS B 22 -32.15 -14.37 -7.81
CA HIS B 22 -31.42 -14.57 -6.57
C HIS B 22 -29.93 -14.71 -6.79
N LEU B 23 -29.16 -14.55 -5.73
CA LEU B 23 -27.70 -14.67 -5.76
C LEU B 23 -27.21 -15.53 -4.60
N ALA B 24 -26.19 -16.35 -4.86
CA ALA B 24 -25.58 -17.19 -3.84
C ALA B 24 -24.16 -16.67 -3.60
N PRO B 25 -23.86 -16.07 -2.44
CA PRO B 25 -22.56 -15.47 -2.15
C PRO B 25 -21.31 -16.26 -2.60
N GLU B 26 -21.17 -17.51 -2.18
CA GLU B 26 -19.99 -18.30 -2.57
C GLU B 26 -20.18 -19.06 -3.91
N ASN B 27 -21.24 -18.76 -4.65
CA ASN B 27 -21.45 -19.24 -6.02
C ASN B 27 -21.84 -18.07 -6.95
N PHE B 28 -21.26 -16.90 -6.68
CA PHE B 28 -21.43 -15.71 -7.51
C PHE B 28 -20.05 -15.16 -7.75
N TYR B 29 -19.71 -14.96 -9.01
CA TYR B 29 -18.39 -14.52 -9.45
C TYR B 29 -18.52 -13.26 -10.32
N ILE B 30 -17.58 -12.33 -10.18
CA ILE B 30 -17.48 -11.18 -11.07
C ILE B 30 -16.25 -11.50 -11.89
N SER B 31 -16.38 -11.49 -13.22
CA SER B 31 -15.28 -11.88 -14.08
C SER B 31 -15.27 -11.14 -15.42
N HIS B 32 -14.20 -11.33 -16.17
CA HIS B 32 -14.01 -10.71 -17.47
C HIS B 32 -14.75 -11.52 -18.51
N SER B 33 -15.45 -10.86 -19.41
CA SER B 33 -16.08 -11.55 -20.53
C SER B 33 -14.96 -11.90 -21.52
N PRO B 34 -15.12 -12.97 -22.30
CA PRO B 34 -14.10 -13.34 -23.30
C PRO B 34 -13.82 -12.29 -24.38
N ASN B 35 -14.79 -11.44 -24.72
CA ASN B 35 -14.56 -10.35 -25.69
C ASN B 35 -13.89 -9.08 -25.12
N SER B 36 -13.63 -9.03 -23.81
CA SER B 36 -13.10 -7.82 -23.17
C SER B 36 -11.65 -7.50 -23.51
N THR B 37 -11.33 -6.21 -23.63
CA THR B 37 -9.96 -5.76 -23.81
C THR B 37 -9.14 -5.87 -22.52
N ALA B 38 -9.79 -6.10 -21.38
CA ALA B 38 -9.10 -6.30 -20.10
C ALA B 38 -9.20 -7.76 -19.67
N GLY B 39 -8.24 -8.18 -18.86
CA GLY B 39 -8.17 -9.54 -18.36
C GLY B 39 -7.55 -9.56 -16.96
N PRO B 40 -7.16 -10.75 -16.48
CA PRO B 40 -6.54 -10.90 -15.14
C PRO B 40 -5.32 -10.03 -14.83
N SER B 41 -4.59 -9.58 -15.85
CA SER B 41 -3.47 -8.67 -15.66
C SER B 41 -3.92 -7.27 -15.24
N CYS B 42 -5.22 -6.96 -15.44
CA CYS B 42 -5.76 -5.68 -15.08
C CYS B 42 -6.04 -5.61 -13.57
N THR B 43 -5.04 -5.13 -12.84
CA THR B 43 -5.10 -4.96 -11.41
C THR B 43 -6.32 -4.16 -10.95
N LEU B 44 -6.58 -3.04 -11.62
CA LEU B 44 -7.67 -2.17 -11.27
C LEU B 44 -9.01 -2.89 -11.23
N LEU B 45 -9.31 -3.66 -12.27
CA LEU B 45 -10.56 -4.43 -12.29
C LEU B 45 -10.56 -5.62 -11.34
N GLU B 46 -9.45 -6.34 -11.24
CA GLU B 46 -9.36 -7.47 -10.33
C GLU B 46 -9.60 -7.01 -8.87
N GLU B 47 -8.95 -5.92 -8.46
CA GLU B 47 -9.19 -5.40 -7.11
C GLU B 47 -10.63 -4.94 -6.93
N ALA B 48 -11.20 -4.32 -7.97
CA ALA B 48 -12.58 -3.85 -7.87
C ALA B 48 -13.54 -5.02 -7.76
N PHE B 49 -13.31 -6.08 -8.54
CA PHE B 49 -14.16 -7.26 -8.49
C PHE B 49 -14.20 -7.85 -7.09
N ARG B 50 -13.04 -7.96 -6.45
CA ARG B 50 -12.99 -8.50 -5.09
C ARG B 50 -13.68 -7.62 -4.05
N ARG B 51 -13.41 -6.31 -4.06
CA ARG B 51 -14.02 -5.45 -3.04
C ARG B 51 -15.55 -5.30 -3.20
N TYR B 52 -16.05 -5.28 -4.44
CA TYR B 52 -17.49 -5.23 -4.68
C TYR B 52 -18.19 -6.54 -4.32
N HIS B 53 -17.50 -7.67 -4.47
CA HIS B 53 -18.01 -8.93 -4.00
C HIS B 53 -18.28 -8.81 -2.50
N GLY B 54 -17.32 -8.23 -1.78
CA GLY B 54 -17.45 -8.00 -0.35
C GLY B 54 -18.52 -7.01 0.02
N TYR B 55 -18.72 -5.93 -0.76
CA TYR B 55 -19.78 -4.96 -0.51
C TYR B 55 -21.17 -5.54 -0.77
N ILE B 56 -21.31 -6.35 -1.81
CA ILE B 56 -22.59 -6.98 -2.14
C ILE B 56 -23.08 -8.00 -1.09
N PHE B 57 -22.18 -8.83 -0.58
CA PHE B 57 -22.53 -9.91 0.36
C PHE B 57 -21.92 -9.83 1.78
N GLY B 58 -21.23 -8.75 2.12
CA GLY B 58 -20.58 -8.64 3.43
C GLY B 58 -21.55 -8.52 4.57
N THR B 73 -33.85 -18.74 -11.79
CA THR B 73 -34.02 -17.54 -10.93
C THR B 73 -32.71 -17.08 -10.27
N GLN B 74 -31.56 -17.65 -10.67
CA GLN B 74 -30.25 -17.30 -10.11
C GLN B 74 -29.33 -16.52 -11.08
N VAL B 75 -28.84 -15.35 -10.66
CA VAL B 75 -27.80 -14.64 -11.40
C VAL B 75 -26.53 -15.33 -10.92
N GLN B 76 -25.84 -16.03 -11.81
CA GLN B 76 -24.64 -16.77 -11.44
C GLN B 76 -23.35 -15.98 -11.53
N GLN B 77 -23.29 -15.03 -12.47
CA GLN B 77 -22.11 -14.20 -12.66
C GLN B 77 -22.48 -12.82 -13.13
N LEU B 78 -21.58 -11.89 -12.87
CA LEU B 78 -21.61 -10.58 -13.48
C LEU B 78 -20.39 -10.61 -14.40
N LEU B 79 -20.62 -10.55 -15.71
CA LEU B 79 -19.51 -10.52 -16.69
C LEU B 79 -19.21 -9.07 -17.04
N VAL B 80 -17.93 -8.68 -17.02
CA VAL B 80 -17.50 -7.31 -17.26
C VAL B 80 -16.75 -7.23 -18.57
N SER B 81 -17.33 -6.50 -19.52
CA SER B 81 -16.75 -6.35 -20.84
C SER B 81 -16.28 -4.95 -21.11
N ILE B 82 -14.99 -4.77 -21.40
CA ILE B 82 -14.51 -3.46 -21.80
C ILE B 82 -14.36 -3.46 -23.33
N THR B 83 -14.93 -2.45 -23.98
CA THR B 83 -15.04 -2.39 -25.43
C THR B 83 -13.81 -1.83 -26.13
N LEU B 84 -13.31 -0.69 -25.66
CA LEU B 84 -12.16 -0.03 -26.27
C LEU B 84 -10.92 -0.31 -25.43
N GLN B 85 -9.77 0.26 -25.84
CA GLN B 85 -8.53 0.14 -25.07
C GLN B 85 -8.89 0.49 -23.63
N SER B 86 -8.55 -0.41 -22.72
CA SER B 86 -9.09 -0.37 -21.37
C SER B 86 -8.71 0.84 -20.53
N GLU B 87 -7.49 1.33 -20.72
CA GLU B 87 -6.88 2.38 -19.90
C GLU B 87 -6.64 1.87 -18.46
N CYS B 88 -6.53 0.54 -18.31
CA CYS B 88 -6.35 -0.12 -17.02
C CYS B 88 -5.16 0.36 -16.20
N ASP B 89 -4.04 0.61 -16.89
CA ASP B 89 -2.82 1.07 -16.23
C ASP B 89 -2.60 2.57 -16.27
N ALA B 90 -3.56 3.34 -16.76
CA ALA B 90 -3.40 4.79 -16.84
C ALA B 90 -4.02 5.48 -15.62
N PHE B 91 -3.79 6.78 -15.55
CA PHE B 91 -4.38 7.62 -14.54
C PHE B 91 -5.55 8.28 -15.23
N PRO B 92 -6.66 8.50 -14.54
CA PRO B 92 -7.81 9.12 -15.19
C PRO B 92 -7.51 10.61 -15.41
N ASN B 93 -8.20 11.21 -16.38
CA ASN B 93 -8.05 12.62 -16.68
C ASN B 93 -9.42 13.22 -16.96
N ILE B 94 -9.46 14.52 -17.24
CA ILE B 94 -10.74 15.22 -17.48
C ILE B 94 -11.61 14.58 -18.58
N SER B 95 -10.99 13.97 -19.59
CA SER B 95 -11.74 13.35 -20.68
C SER B 95 -12.07 11.87 -20.47
N SER B 96 -11.76 11.28 -19.31
CA SER B 96 -12.03 9.86 -19.09
C SER B 96 -13.49 9.47 -19.25
N ASP B 97 -13.74 8.47 -20.08
CA ASP B 97 -15.09 7.98 -20.34
C ASP B 97 -15.58 7.07 -19.18
N GLU B 98 -16.58 7.55 -18.45
CA GLU B 98 -17.17 6.85 -17.33
C GLU B 98 -18.54 6.26 -17.66
N SER B 99 -18.87 6.16 -18.96
CA SER B 99 -20.15 5.61 -19.37
C SER B 99 -20.14 4.09 -19.25
N TYR B 100 -21.32 3.50 -19.07
CA TYR B 100 -21.49 2.06 -19.00
C TYR B 100 -22.95 1.67 -19.24
N THR B 101 -23.16 0.39 -19.52
CA THR B 101 -24.49 -0.17 -19.59
C THR B 101 -24.48 -1.44 -18.75
N LEU B 102 -25.56 -1.64 -18.00
CA LEU B 102 -25.70 -2.76 -17.08
C LEU B 102 -26.95 -3.55 -17.44
N LEU B 103 -26.78 -4.83 -17.76
CA LEU B 103 -27.87 -5.71 -18.15
C LEU B 103 -28.00 -6.78 -17.09
N VAL B 104 -29.02 -6.67 -16.25
CA VAL B 104 -29.22 -7.64 -15.18
C VAL B 104 -30.27 -8.62 -15.67
N LYS B 105 -29.83 -9.85 -15.90
CA LYS B 105 -30.69 -10.91 -16.39
C LYS B 105 -30.11 -12.24 -15.95
N GLU B 106 -30.95 -13.27 -16.05
CA GLU B 106 -30.62 -14.64 -15.69
C GLU B 106 -30.05 -15.34 -16.92
N PRO B 107 -28.96 -16.13 -16.84
CA PRO B 107 -28.17 -16.40 -15.62
C PRO B 107 -26.91 -15.54 -15.50
N VAL B 108 -26.59 -14.70 -16.49
CA VAL B 108 -25.36 -13.93 -16.49
C VAL B 108 -25.73 -12.47 -16.66
N ALA B 109 -25.39 -11.64 -15.67
CA ALA B 109 -25.61 -10.21 -15.78
C ALA B 109 -24.40 -9.67 -16.53
N VAL B 110 -24.58 -8.58 -17.27
CA VAL B 110 -23.51 -8.04 -18.12
C VAL B 110 -23.29 -6.56 -17.82
N LEU B 111 -22.03 -6.22 -17.56
CA LEU B 111 -21.59 -4.83 -17.38
C LEU B 111 -20.64 -4.52 -18.55
N LYS B 112 -21.08 -3.61 -19.43
CA LYS B 112 -20.32 -3.20 -20.61
C LYS B 112 -19.93 -1.73 -20.47
N ALA B 113 -18.67 -1.39 -20.75
CA ALA B 113 -18.18 -0.01 -20.67
C ALA B 113 -17.07 0.17 -21.67
N ASN B 114 -16.97 1.37 -22.25
CA ASN B 114 -15.88 1.66 -23.18
C ASN B 114 -14.51 1.53 -22.55
N ARG B 115 -14.41 1.95 -21.29
CA ARG B 115 -13.17 1.94 -20.58
C ARG B 115 -13.37 1.39 -19.17
N VAL B 116 -12.24 1.14 -18.53
CA VAL B 116 -12.15 0.72 -17.14
C VAL B 116 -12.90 1.69 -16.18
N TRP B 117 -12.92 2.97 -16.50
CA TRP B 117 -13.54 4.01 -15.66
C TRP B 117 -15.05 3.77 -15.54
N GLY B 118 -15.70 3.47 -16.67
CA GLY B 118 -17.12 3.13 -16.67
C GLY B 118 -17.46 1.85 -15.95
N ALA B 119 -16.59 0.85 -16.06
CA ALA B 119 -16.79 -0.40 -15.37
C ALA B 119 -16.81 -0.16 -13.84
N LEU B 120 -15.91 0.68 -13.33
CA LEU B 120 -15.90 0.98 -11.90
C LEU B 120 -17.21 1.61 -11.45
N ARG B 121 -17.72 2.55 -12.24
CA ARG B 121 -18.98 3.18 -11.91
C ARG B 121 -20.11 2.16 -11.95
N GLY B 122 -20.14 1.32 -12.99
CA GLY B 122 -21.17 0.30 -13.12
C GLY B 122 -21.18 -0.74 -12.01
N LEU B 123 -20.00 -1.09 -11.51
CA LEU B 123 -19.89 -2.01 -10.38
C LEU B 123 -20.57 -1.42 -9.14
N GLU B 124 -20.43 -0.12 -8.92
CA GLU B 124 -21.07 0.53 -7.78
C GLU B 124 -22.56 0.45 -7.94
N THR B 125 -23.06 0.79 -9.12
CA THR B 125 -24.48 0.71 -9.39
C THR B 125 -25.05 -0.69 -9.16
N PHE B 126 -24.36 -1.69 -9.69
CA PHE B 126 -24.76 -3.08 -9.51
C PHE B 126 -24.89 -3.43 -8.04
N SER B 127 -23.94 -2.98 -7.22
CA SER B 127 -23.98 -3.23 -5.79
C SER B 127 -25.18 -2.59 -5.12
N GLN B 128 -25.63 -1.47 -5.65
CA GLN B 128 -26.80 -0.80 -5.10
C GLN B 128 -28.12 -1.49 -5.49
N LEU B 129 -28.09 -2.31 -6.54
CA LEU B 129 -29.28 -3.05 -6.97
C LEU B 129 -29.55 -4.30 -6.14
N VAL B 130 -28.52 -4.90 -5.56
CA VAL B 130 -28.67 -6.14 -4.80
C VAL B 130 -29.20 -5.80 -3.42
N TYR B 131 -30.19 -6.57 -2.96
CA TYR B 131 -30.75 -6.38 -1.62
C TYR B 131 -31.17 -7.71 -1.01
N GLN B 132 -31.42 -7.67 0.29
CA GLN B 132 -31.87 -8.83 1.03
C GLN B 132 -33.35 -8.65 1.35
N ASP B 133 -34.14 -9.66 1.06
CA ASP B 133 -35.56 -9.62 1.39
C ASP B 133 -35.80 -9.90 2.88
N SER B 134 -37.06 -10.02 3.27
CA SER B 134 -37.44 -10.26 4.65
C SER B 134 -36.80 -11.49 5.30
N TYR B 135 -36.54 -12.53 4.51
CA TYR B 135 -35.94 -13.75 5.02
C TYR B 135 -34.42 -13.84 4.85
N GLY B 136 -33.75 -12.75 4.44
CA GLY B 136 -32.31 -12.75 4.25
C GLY B 136 -31.84 -13.16 2.84
N THR B 137 -32.79 -13.47 1.95
CA THR B 137 -32.47 -13.92 0.60
C THR B 137 -31.92 -12.79 -0.27
N PHE B 138 -30.71 -12.98 -0.80
CA PHE B 138 -30.09 -12.01 -1.69
C PHE B 138 -30.90 -12.01 -2.98
N THR B 139 -31.34 -10.82 -3.36
CA THR B 139 -32.25 -10.64 -4.47
C THR B 139 -31.84 -9.48 -5.34
N ILE B 140 -32.23 -9.54 -6.60
CA ILE B 140 -32.05 -8.44 -7.54
C ILE B 140 -33.15 -8.50 -8.59
N ASN B 141 -33.66 -7.33 -8.96
CA ASN B 141 -34.64 -7.21 -10.03
C ASN B 141 -33.96 -7.26 -11.37
N GLU B 142 -34.57 -7.95 -12.33
CA GLU B 142 -34.09 -7.96 -13.69
C GLU B 142 -34.25 -6.52 -14.21
N SER B 143 -33.21 -5.98 -14.85
CA SER B 143 -33.22 -4.58 -15.25
C SER B 143 -32.13 -4.23 -16.26
N THR B 144 -32.30 -3.06 -16.87
CA THR B 144 -31.38 -2.52 -17.86
C THR B 144 -31.09 -1.08 -17.46
N ILE B 145 -29.81 -0.75 -17.31
CA ILE B 145 -29.38 0.59 -16.99
C ILE B 145 -28.41 1.09 -18.03
N ILE B 146 -28.59 2.32 -18.49
CA ILE B 146 -27.65 3.01 -19.37
C ILE B 146 -27.28 4.29 -18.61
N ASP B 147 -25.99 4.53 -18.45
CA ASP B 147 -25.59 5.64 -17.60
C ASP B 147 -24.27 6.27 -18.02
N SER B 148 -24.14 7.56 -17.71
CA SER B 148 -22.95 8.36 -17.98
C SER B 148 -23.16 9.70 -17.24
N PRO B 149 -22.09 10.37 -16.85
CA PRO B 149 -22.20 11.60 -16.05
C PRO B 149 -22.54 12.86 -16.82
N ARG B 150 -23.33 13.72 -16.19
CA ARG B 150 -23.64 15.03 -16.75
C ARG B 150 -22.38 15.91 -16.92
N PHE B 151 -21.53 15.98 -15.90
CA PHE B 151 -20.29 16.76 -15.93
C PHE B 151 -19.10 15.89 -15.60
N SER B 152 -17.96 16.23 -16.16
CA SER B 152 -16.77 15.40 -16.03
C SER B 152 -15.91 15.70 -14.80
N HIS B 153 -16.01 16.89 -14.22
CA HIS B 153 -15.23 17.25 -13.04
C HIS B 153 -16.15 17.25 -11.83
N ARG B 154 -16.01 16.24 -10.98
CA ARG B 154 -16.88 16.08 -9.83
C ARG B 154 -15.99 15.85 -8.62
N GLY B 155 -15.72 16.94 -7.88
CA GLY B 155 -14.75 16.91 -6.82
C GLY B 155 -15.13 17.17 -5.37
N ILE B 156 -14.24 16.72 -4.50
CA ILE B 156 -14.27 17.00 -3.08
C ILE B 156 -12.96 17.69 -2.74
N LEU B 157 -13.03 18.83 -2.05
CA LEU B 157 -11.83 19.48 -1.53
C LEU B 157 -11.65 19.13 -0.06
N ILE B 158 -10.46 18.64 0.27
CA ILE B 158 -10.05 18.41 1.65
C ILE B 158 -8.94 19.41 1.95
N ASP B 159 -8.81 19.77 3.23
CA ASP B 159 -7.87 20.79 3.68
C ASP B 159 -7.02 20.14 4.75
N THR B 160 -5.77 19.85 4.44
CA THR B 160 -4.87 19.19 5.38
C THR B 160 -3.81 20.10 6.02
N SER B 161 -4.04 21.41 5.94
CA SER B 161 -3.18 22.42 6.54
C SER B 161 -3.79 22.91 7.84
N ARG B 162 -5.04 23.35 7.77
CA ARG B 162 -5.74 23.89 8.95
C ARG B 162 -5.79 22.83 10.03
N HIS B 163 -5.97 21.58 9.58
CA HIS B 163 -5.74 20.43 10.42
C HIS B 163 -5.13 19.35 9.56
N TYR B 164 -4.18 18.62 10.12
CA TYR B 164 -3.61 17.46 9.45
C TYR B 164 -4.64 16.32 9.48
N LEU B 165 -4.78 15.62 8.37
CA LEU B 165 -5.65 14.45 8.31
C LEU B 165 -4.79 13.21 8.13
N PRO B 166 -4.93 12.21 9.02
CA PRO B 166 -4.20 10.95 8.81
C PRO B 166 -4.53 10.33 7.47
N VAL B 167 -3.58 9.63 6.88
CA VAL B 167 -3.76 9.03 5.58
C VAL B 167 -5.02 8.15 5.55
N LYS B 168 -5.25 7.40 6.63
CA LYS B 168 -6.39 6.50 6.73
C LYS B 168 -7.73 7.21 6.44
N ILE B 169 -7.91 8.42 6.98
CA ILE B 169 -9.15 9.10 6.73
C ILE B 169 -9.21 9.70 5.29
N ILE B 170 -8.06 10.01 4.70
CA ILE B 170 -8.03 10.37 3.28
C ILE B 170 -8.47 9.15 2.47
N LEU B 171 -7.99 7.95 2.81
CA LEU B 171 -8.40 6.74 2.09
C LEU B 171 -9.90 6.46 2.27
N LYS B 172 -10.45 6.65 3.48
CA LYS B 172 -11.89 6.49 3.71
C LYS B 172 -12.70 7.49 2.90
N THR B 173 -12.19 8.72 2.79
CA THR B 173 -12.85 9.75 2.00
C THR B 173 -12.93 9.30 0.54
N LEU B 174 -11.84 8.76 0.02
CA LEU B 174 -11.82 8.22 -1.34
C LEU B 174 -12.82 7.07 -1.53
N ASP B 175 -12.92 6.17 -0.54
CA ASP B 175 -13.93 5.11 -0.63
C ASP B 175 -15.33 5.70 -0.71
N ALA B 176 -15.63 6.68 0.15
CA ALA B 176 -16.93 7.35 0.13
C ALA B 176 -17.18 8.07 -1.19
N MET B 177 -16.12 8.66 -1.75
CA MET B 177 -16.19 9.31 -3.05
C MET B 177 -16.59 8.31 -4.14
N ALA B 178 -15.98 7.13 -4.13
CA ALA B 178 -16.30 6.08 -5.10
C ALA B 178 -17.75 5.64 -4.99
N PHE B 179 -18.21 5.47 -3.76
CA PHE B 179 -19.62 5.11 -3.51
C PHE B 179 -20.60 6.16 -4.05
N ASN B 180 -20.13 7.40 -4.16
CA ASN B 180 -20.93 8.54 -4.62
C ASN B 180 -20.60 9.02 -6.03
N LYS B 181 -19.70 8.30 -6.70
CA LYS B 181 -19.23 8.62 -8.06
C LYS B 181 -18.55 9.99 -8.21
N PHE B 182 -17.88 10.46 -7.15
CA PHE B 182 -17.03 11.65 -7.26
C PHE B 182 -15.75 11.15 -7.92
N ASN B 183 -15.09 11.99 -8.71
CA ASN B 183 -13.88 11.56 -9.42
C ASN B 183 -12.66 12.46 -9.29
N VAL B 184 -12.73 13.48 -8.47
CA VAL B 184 -11.58 14.34 -8.26
C VAL B 184 -11.42 14.60 -6.77
N LEU B 185 -10.24 14.33 -6.24
CA LEU B 185 -9.90 14.76 -4.89
C LEU B 185 -9.04 16.03 -5.03
N HIS B 186 -9.61 17.17 -4.68
CA HIS B 186 -8.89 18.44 -4.68
C HIS B 186 -8.18 18.51 -3.32
N TRP B 187 -6.89 18.20 -3.34
CA TRP B 187 -6.13 18.14 -2.10
C TRP B 187 -5.48 19.48 -1.82
N HIS B 188 -6.14 20.27 -0.96
CA HIS B 188 -5.60 21.54 -0.50
C HIS B 188 -4.61 21.19 0.61
N ILE B 189 -3.44 20.77 0.20
CA ILE B 189 -2.45 20.17 1.09
C ILE B 189 -1.73 21.10 2.06
N VAL B 190 -1.44 22.33 1.61
CA VAL B 190 -0.74 23.32 2.43
C VAL B 190 -1.53 24.64 2.48
N ASP B 191 -1.25 25.43 3.51
CA ASP B 191 -1.89 26.72 3.71
C ASP B 191 -1.08 27.47 4.79
N ASP B 192 -1.64 28.54 5.35
CA ASP B 192 -0.96 29.37 6.35
C ASP B 192 -0.50 28.64 7.58
N GLN B 193 -1.39 27.85 8.15
CA GLN B 193 -1.15 27.27 9.46
C GLN B 193 -0.13 26.13 9.49
N SER B 194 0.00 25.37 8.40
CA SER B 194 0.97 24.28 8.38
C SER B 194 1.32 23.83 6.98
N PHE B 195 2.49 23.20 6.87
CA PHE B 195 3.03 22.66 5.62
C PHE B 195 3.32 21.16 5.81
N PRO B 196 2.32 20.29 5.70
CA PRO B 196 2.57 18.85 5.83
C PRO B 196 3.19 18.15 4.62
N TYR B 197 3.23 18.78 3.44
CA TYR B 197 3.82 18.14 2.26
C TYR B 197 5.33 18.01 2.38
N GLN B 198 5.85 16.79 2.38
CA GLN B 198 7.29 16.61 2.47
C GLN B 198 7.87 16.71 1.09
N SER B 199 8.58 17.80 0.83
CA SER B 199 9.23 18.01 -0.45
C SER B 199 10.63 17.40 -0.43
N ILE B 200 10.96 16.63 -1.45
CA ILE B 200 12.26 16.01 -1.59
C ILE B 200 13.32 17.07 -1.89
N THR B 201 13.05 17.97 -2.84
CA THR B 201 14.01 19.01 -3.19
C THR B 201 14.18 20.04 -2.07
N PHE B 202 13.12 20.31 -1.31
CA PHE B 202 13.15 21.30 -0.21
C PHE B 202 12.65 20.66 1.08
N PRO B 203 13.49 19.84 1.74
CA PRO B 203 13.09 19.16 2.98
C PRO B 203 12.71 20.07 4.13
N GLU B 204 13.26 21.28 4.18
CA GLU B 204 12.98 22.18 5.28
C GLU B 204 11.57 22.76 5.27
N LEU B 205 10.87 22.71 4.14
CA LEU B 205 9.51 23.21 4.09
C LEU B 205 8.65 22.52 5.12
N SER B 206 8.62 21.19 5.08
CA SER B 206 7.91 20.42 6.06
C SER B 206 8.65 20.33 7.40
N ASN B 207 9.99 20.23 7.41
CA ASN B 207 10.69 20.13 8.70
C ASN B 207 10.40 21.33 9.60
N LYS B 208 10.33 22.53 9.02
CA LYS B 208 10.08 23.76 9.77
C LYS B 208 8.64 24.27 9.72
N GLY B 209 7.86 23.88 8.72
CA GLY B 209 6.49 24.36 8.55
C GLY B 209 5.39 23.41 8.98
N SER B 210 5.69 22.14 9.25
CA SER B 210 4.66 21.19 9.67
C SER B 210 4.29 21.45 11.11
N TYR B 211 3.14 20.96 11.53
CA TYR B 211 2.75 21.08 12.94
C TYR B 211 3.75 20.33 13.83
N SER B 212 4.14 19.14 13.40
CA SER B 212 5.18 18.36 14.07
C SER B 212 5.65 17.33 13.07
N LEU B 213 6.69 16.61 13.46
CA LEU B 213 7.28 15.57 12.63
C LEU B 213 6.34 14.43 12.25
N SER B 214 5.38 14.12 13.12
CA SER B 214 4.39 13.09 12.82
C SER B 214 3.25 13.59 11.92
N HIS B 215 3.08 14.90 11.78
CA HIS B 215 2.01 15.47 10.97
C HIS B 215 2.55 15.88 9.61
N VAL B 216 3.02 14.90 8.85
CA VAL B 216 3.66 15.14 7.56
C VAL B 216 3.17 14.06 6.58
N TYR B 217 3.11 14.40 5.30
CA TYR B 217 2.82 13.45 4.23
C TYR B 217 4.13 13.15 3.51
N THR B 218 4.65 11.94 3.71
CA THR B 218 5.91 11.52 3.09
C THR B 218 5.66 11.18 1.63
N PRO B 219 6.71 11.07 0.83
CA PRO B 219 6.52 10.69 -0.58
C PRO B 219 5.75 9.38 -0.75
N ASN B 220 6.00 8.38 0.10
CA ASN B 220 5.26 7.14 0.08
C ASN B 220 3.77 7.39 0.41
N ASP B 221 3.48 8.26 1.38
CA ASP B 221 2.08 8.58 1.71
C ASP B 221 1.34 9.14 0.50
N VAL B 222 1.99 10.09 -0.18
CA VAL B 222 1.41 10.74 -1.34
C VAL B 222 1.17 9.75 -2.46
N ARG B 223 2.18 8.93 -2.75
CA ARG B 223 2.07 7.88 -3.76
C ARG B 223 0.89 6.95 -3.42
N MET B 224 0.78 6.55 -2.15
CA MET B 224 -0.31 5.71 -1.67
C MET B 224 -1.70 6.33 -1.88
N VAL B 225 -1.84 7.62 -1.58
CA VAL B 225 -3.11 8.29 -1.80
C VAL B 225 -3.42 8.31 -3.29
N ILE B 226 -2.41 8.63 -4.11
CA ILE B 226 -2.59 8.72 -5.56
C ILE B 226 -3.03 7.38 -6.17
N GLU B 227 -2.36 6.31 -5.77
CA GLU B 227 -2.69 4.98 -6.28
C GLU B 227 -4.05 4.50 -5.82
N TYR B 228 -4.32 4.66 -4.54
CA TYR B 228 -5.62 4.28 -3.98
C TYR B 228 -6.76 4.97 -4.74
N ALA B 229 -6.58 6.25 -5.02
CA ALA B 229 -7.53 7.04 -5.77
C ALA B 229 -7.66 6.52 -7.20
N ARG B 230 -6.53 6.22 -7.83
CA ARG B 230 -6.50 5.70 -9.21
C ARG B 230 -7.33 4.43 -9.35
N LEU B 231 -7.18 3.53 -8.38
CA LEU B 231 -7.92 2.27 -8.39
C LEU B 231 -9.44 2.43 -8.29
N ARG B 232 -9.90 3.61 -7.87
CA ARG B 232 -11.30 3.98 -7.81
C ARG B 232 -11.71 4.97 -8.92
N GLY B 233 -10.84 5.20 -9.90
CA GLY B 233 -11.12 6.16 -10.95
C GLY B 233 -11.14 7.61 -10.47
N ILE B 234 -10.35 7.93 -9.45
CA ILE B 234 -10.32 9.27 -8.86
C ILE B 234 -8.97 9.93 -9.16
N ARG B 235 -9.05 11.14 -9.68
CA ARG B 235 -7.90 11.97 -9.95
C ARG B 235 -7.51 12.69 -8.67
N VAL B 236 -6.22 12.87 -8.44
CA VAL B 236 -5.76 13.68 -7.31
C VAL B 236 -5.23 15.00 -7.88
N LEU B 237 -5.95 16.08 -7.60
CA LEU B 237 -5.63 17.44 -8.04
C LEU B 237 -4.94 18.13 -6.87
N PRO B 238 -3.63 18.39 -6.97
CA PRO B 238 -2.94 19.06 -5.87
C PRO B 238 -3.16 20.54 -5.93
N GLU B 239 -3.29 21.18 -4.78
CA GLU B 239 -3.30 22.63 -4.74
C GLU B 239 -2.15 23.06 -3.84
N PHE B 240 -1.26 23.89 -4.40
CA PHE B 240 -0.19 24.54 -3.65
C PHE B 240 -0.43 26.03 -3.87
N ASP B 241 -1.30 26.58 -3.04
CA ASP B 241 -1.78 27.95 -3.11
C ASP B 241 -0.69 29.00 -2.84
N THR B 242 -0.56 29.97 -3.74
CA THR B 242 0.34 31.12 -3.59
C THR B 242 -0.34 32.29 -4.32
N PRO B 243 0.05 33.56 -4.09
CA PRO B 243 1.07 34.01 -3.14
C PRO B 243 0.56 34.18 -1.71
N GLY B 244 -0.75 34.29 -1.51
CA GLY B 244 -1.31 34.35 -0.17
C GLY B 244 -1.44 32.92 0.32
N HIS B 245 -1.88 32.75 1.55
CA HIS B 245 -2.05 31.43 2.18
C HIS B 245 -0.72 30.65 2.29
N THR B 246 0.40 31.39 2.40
CA THR B 246 1.73 30.79 2.40
C THR B 246 2.57 30.97 3.68
N LEU B 247 1.96 31.37 4.79
CA LEU B 247 2.74 31.63 6.02
C LEU B 247 3.65 30.48 6.43
N SER B 248 3.16 29.25 6.36
CA SER B 248 3.96 28.08 6.74
C SER B 248 5.15 27.80 5.79
N TRP B 249 5.11 28.30 4.55
CA TRP B 249 6.18 28.06 3.58
C TRP B 249 7.44 28.83 3.97
N GLY B 250 7.24 30.01 4.58
CA GLY B 250 8.34 30.85 5.02
C GLY B 250 9.24 30.30 6.10
N LYS B 251 8.77 29.37 6.92
CA LYS B 251 9.62 28.81 8.00
C LYS B 251 10.86 28.08 7.45
N GLY B 252 10.71 27.39 6.32
CA GLY B 252 11.80 26.63 5.73
C GLY B 252 12.45 27.19 4.49
N GLN B 253 11.90 28.25 3.91
CA GLN B 253 12.48 28.87 2.71
C GLN B 253 12.68 30.36 3.03
N LYS B 254 13.93 30.73 3.29
CA LYS B 254 14.28 32.07 3.70
C LYS B 254 14.14 33.06 2.57
N ASP B 255 13.73 34.28 2.93
CA ASP B 255 13.46 35.37 1.99
C ASP B 255 12.34 35.11 0.98
N LEU B 256 11.51 34.09 1.20
CA LEU B 256 10.41 33.82 0.30
C LEU B 256 9.26 34.78 0.57
N LEU B 257 8.89 34.93 1.84
CA LEU B 257 7.77 35.76 2.24
C LEU B 257 8.16 37.22 2.39
N THR B 258 7.23 38.10 2.07
CA THR B 258 7.46 39.54 2.21
C THR B 258 7.47 39.96 3.68
N PRO B 259 8.53 40.62 4.16
CA PRO B 259 8.48 41.18 5.51
C PRO B 259 7.46 42.31 5.60
N CYS B 260 6.65 42.34 6.64
CA CYS B 260 5.66 43.40 6.82
C CYS B 260 6.22 44.32 7.87
N TYR B 261 5.77 45.57 7.82
CA TYR B 261 6.23 46.57 8.76
C TYR B 261 5.07 47.22 9.46
N SER B 262 5.26 47.43 10.75
CA SER B 262 4.29 48.09 11.56
C SER B 262 4.74 49.54 11.67
N LEU B 267 0.83 45.25 12.12
CA LEU B 267 0.28 44.24 11.17
C LEU B 267 0.85 42.86 11.61
N ASP B 268 1.45 42.07 10.71
CA ASP B 268 2.13 40.80 11.11
C ASP B 268 3.61 40.89 10.77
N SER B 269 4.39 39.84 11.03
CA SER B 269 5.82 39.86 10.64
C SER B 269 6.00 39.61 9.14
N PHE B 270 5.21 38.66 8.60
CA PHE B 270 5.33 38.24 7.20
C PHE B 270 3.97 38.18 6.52
N GLY B 271 3.97 38.53 5.23
CA GLY B 271 2.77 38.51 4.40
C GLY B 271 2.93 37.55 3.24
N PRO B 272 2.36 37.86 2.08
CA PRO B 272 2.45 36.93 0.94
C PRO B 272 3.85 36.75 0.39
N ILE B 273 4.00 35.75 -0.48
CA ILE B 273 5.25 35.53 -1.16
C ILE B 273 5.70 36.86 -1.81
N ASN B 274 6.98 37.13 -1.70
CA ASN B 274 7.60 38.33 -2.28
C ASN B 274 7.74 38.15 -3.80
N PRO B 275 6.97 38.88 -4.61
CA PRO B 275 7.01 38.68 -6.07
C PRO B 275 8.10 39.49 -6.80
N THR B 276 9.01 40.12 -6.08
CA THR B 276 10.03 40.99 -6.67
C THR B 276 11.42 40.35 -6.72
N LEU B 277 11.58 39.12 -6.23
CA LEU B 277 12.90 38.50 -6.13
C LEU B 277 13.12 37.33 -7.08
N ASN B 278 14.29 37.28 -7.72
CA ASN B 278 14.66 36.14 -8.55
C ASN B 278 14.65 34.84 -7.75
N THR B 279 15.06 34.91 -6.48
CA THR B 279 15.00 33.74 -5.58
C THR B 279 13.59 33.16 -5.45
N THR B 280 12.57 33.99 -5.47
CA THR B 280 11.18 33.51 -5.43
C THR B 280 10.83 32.62 -6.63
N TYR B 281 11.08 33.12 -7.82
CA TYR B 281 10.73 32.38 -9.04
C TYR B 281 11.65 31.18 -9.26
N SER B 282 12.91 31.29 -8.86
CA SER B 282 13.83 30.16 -8.93
C SER B 282 13.40 29.01 -7.99
N PHE B 283 12.91 29.37 -6.80
CA PHE B 283 12.40 28.38 -5.86
C PHE B 283 11.14 27.75 -6.43
N LEU B 284 10.22 28.58 -6.93
CA LEU B 284 8.96 28.05 -7.46
C LEU B 284 9.14 27.17 -8.71
N THR B 285 10.14 27.47 -9.53
CA THR B 285 10.41 26.68 -10.72
C THR B 285 10.80 25.27 -10.33
N THR B 286 11.76 25.20 -9.42
CA THR B 286 12.23 23.96 -8.86
C THR B 286 11.12 23.23 -8.13
N PHE B 287 10.37 23.95 -7.30
CA PHE B 287 9.28 23.36 -6.53
C PHE B 287 8.22 22.75 -7.42
N PHE B 288 7.69 23.53 -8.37
CA PHE B 288 6.68 23.01 -9.28
C PHE B 288 7.20 21.92 -10.24
N LYS B 289 8.49 21.89 -10.51
CA LYS B 289 9.06 20.77 -11.26
C LYS B 289 8.84 19.48 -10.46
N GLU B 290 9.16 19.49 -9.17
CA GLU B 290 8.93 18.34 -8.32
C GLU B 290 7.44 17.94 -8.30
N ILE B 291 6.55 18.92 -8.13
CA ILE B 291 5.13 18.65 -8.11
C ILE B 291 4.64 18.01 -9.40
N SER B 292 5.15 18.48 -10.54
CA SER B 292 4.80 17.91 -11.85
C SER B 292 5.16 16.45 -12.02
N GLU B 293 6.20 16.01 -11.30
CA GLU B 293 6.65 14.61 -11.30
C GLU B 293 5.95 13.77 -10.24
N VAL B 294 5.58 14.37 -9.12
CA VAL B 294 4.95 13.64 -8.00
C VAL B 294 3.48 13.33 -8.29
N PHE B 295 2.75 14.35 -8.75
CA PHE B 295 1.34 14.23 -9.01
C PHE B 295 1.12 14.01 -10.51
N PRO B 296 0.65 12.82 -10.92
CA PRO B 296 0.43 12.54 -12.33
C PRO B 296 -0.70 13.29 -13.03
N ASP B 297 -1.65 13.87 -12.29
CA ASP B 297 -2.77 14.55 -12.94
C ASP B 297 -2.30 15.69 -13.86
N GLN B 298 -3.02 15.90 -14.97
CA GLN B 298 -2.72 16.97 -15.94
C GLN B 298 -2.70 18.37 -15.34
N PHE B 299 -3.51 18.59 -14.28
CA PHE B 299 -3.71 19.91 -13.71
C PHE B 299 -3.10 20.12 -12.31
N ILE B 300 -2.55 21.32 -12.09
CA ILE B 300 -2.09 21.77 -10.78
C ILE B 300 -2.93 22.99 -10.41
N HIS B 301 -3.51 22.98 -9.21
CA HIS B 301 -4.28 24.13 -8.73
C HIS B 301 -3.29 25.10 -8.05
N LEU B 302 -3.15 26.29 -8.63
CA LEU B 302 -2.23 27.34 -8.14
C LEU B 302 -2.79 28.29 -7.10
N GLY B 303 -4.06 28.13 -6.77
CA GLY B 303 -4.70 28.98 -5.81
C GLY B 303 -4.92 30.40 -6.33
N GLY B 304 -4.31 31.37 -5.64
CA GLY B 304 -4.42 32.78 -5.99
C GLY B 304 -5.50 33.51 -5.21
N ASP B 305 -6.12 32.85 -4.23
CA ASP B 305 -7.23 33.46 -3.49
C ASP B 305 -6.83 34.35 -2.32
N GLU B 306 -7.70 35.31 -2.04
CA GLU B 306 -7.63 36.17 -0.86
C GLU B 306 -6.26 36.80 -0.56
N VAL B 307 -5.57 37.31 -1.57
CA VAL B 307 -4.26 37.90 -1.31
C VAL B 307 -4.46 39.26 -0.61
N GLU B 308 -3.89 39.42 0.58
CA GLU B 308 -3.94 40.70 1.32
C GLU B 308 -2.79 41.58 0.85
N PHE B 309 -3.08 42.82 0.51
CA PHE B 309 -2.07 43.75 0.01
C PHE B 309 -1.41 44.63 1.07
N LYS B 310 -1.95 44.68 2.28
CA LYS B 310 -1.39 45.54 3.33
C LYS B 310 0.09 45.35 3.60
N CYS B 311 0.54 44.09 3.66
CA CYS B 311 1.96 43.80 3.90
C CYS B 311 2.82 44.37 2.77
N TRP B 312 2.41 44.11 1.53
CA TRP B 312 3.06 44.68 0.36
C TRP B 312 3.10 46.21 0.43
N GLU B 313 1.98 46.83 0.76
CA GLU B 313 1.92 48.29 0.90
C GLU B 313 2.91 48.85 1.94
N SER B 314 3.07 48.14 3.05
CA SER B 314 3.94 48.57 4.15
C SER B 314 5.43 48.46 3.86
N ASN B 315 5.80 47.69 2.86
CA ASN B 315 7.19 47.36 2.60
C ASN B 315 7.83 48.30 1.60
N PRO B 316 8.93 48.98 1.97
CA PRO B 316 9.54 49.97 1.07
C PRO B 316 10.19 49.40 -0.20
N LYS B 317 10.70 48.16 -0.16
CA LYS B 317 11.27 47.55 -1.35
C LYS B 317 10.17 47.19 -2.36
N ILE B 318 9.00 46.83 -1.86
CA ILE B 318 7.87 46.58 -2.75
C ILE B 318 7.34 47.89 -3.31
N GLN B 319 7.27 48.94 -2.51
CA GLN B 319 6.92 50.26 -3.01
C GLN B 319 7.88 50.63 -4.17
N ASP B 320 9.17 50.34 -3.98
CA ASP B 320 10.17 50.60 -5.02
C ASP B 320 9.96 49.80 -6.31
N PHE B 321 9.54 48.54 -6.17
CA PHE B 321 9.21 47.70 -7.33
C PHE B 321 7.97 48.21 -8.05
N MET B 322 6.96 48.64 -7.29
CA MET B 322 5.75 49.22 -7.87
C MET B 322 6.11 50.46 -8.69
N ARG B 323 7.00 51.30 -8.15
CA ARG B 323 7.55 52.45 -8.86
C ARG B 323 8.19 52.02 -10.20
N GLN B 324 9.13 51.08 -10.13
CA GLN B 324 9.84 50.59 -11.32
C GLN B 324 8.95 50.05 -12.42
N LYS B 325 7.94 49.28 -12.03
CA LYS B 325 7.02 48.66 -12.99
C LYS B 325 5.87 49.57 -13.43
N GLY B 326 5.72 50.73 -12.80
CA GLY B 326 4.64 51.65 -13.15
C GLY B 326 3.26 51.20 -12.71
N PHE B 327 3.17 50.39 -11.65
CA PHE B 327 1.88 49.88 -11.18
C PHE B 327 1.10 50.84 -10.25
N GLY B 328 1.69 51.97 -9.89
CA GLY B 328 1.02 52.95 -9.02
C GLY B 328 0.80 52.38 -7.64
N THR B 329 -0.46 52.41 -7.18
CA THR B 329 -0.87 51.76 -5.92
C THR B 329 -1.83 50.60 -6.21
N ASP B 330 -1.81 50.11 -7.44
CA ASP B 330 -2.70 49.02 -7.81
C ASP B 330 -1.99 47.70 -7.58
N PHE B 331 -2.16 47.14 -6.40
CA PHE B 331 -1.55 45.86 -6.05
C PHE B 331 -2.13 44.66 -6.79
N LYS B 332 -3.30 44.80 -7.42
CA LYS B 332 -3.79 43.76 -8.30
C LYS B 332 -2.83 43.55 -9.49
N LYS B 333 -2.18 44.63 -9.95
CA LYS B 333 -1.17 44.49 -11.01
C LYS B 333 0.07 43.74 -10.54
N LEU B 334 0.43 43.86 -9.27
CA LEU B 334 1.57 43.10 -8.75
C LEU B 334 1.22 41.63 -8.62
N GLU B 335 0.03 41.38 -8.09
CA GLU B 335 -0.54 40.05 -7.99
C GLU B 335 -0.64 39.37 -9.36
N SER B 336 -1.09 40.12 -10.38
CA SER B 336 -1.15 39.59 -11.75
C SER B 336 0.24 39.27 -12.29
N PHE B 337 1.18 40.19 -12.05
CA PHE B 337 2.57 39.99 -12.44
C PHE B 337 3.11 38.67 -11.86
N TYR B 338 2.87 38.45 -10.57
CA TYR B 338 3.30 37.24 -9.90
C TYR B 338 2.72 35.98 -10.50
N ILE B 339 1.39 35.90 -10.53
CA ILE B 339 0.76 34.66 -10.98
C ILE B 339 0.93 34.36 -12.45
N GLN B 340 1.09 35.40 -13.27
CA GLN B 340 1.45 35.21 -14.67
C GLN B 340 2.77 34.44 -14.78
N LYS B 341 3.75 34.78 -13.96
CA LYS B 341 5.03 34.06 -13.94
C LYS B 341 4.88 32.59 -13.48
N VAL B 342 4.00 32.33 -12.51
CA VAL B 342 3.77 30.97 -12.04
C VAL B 342 3.03 30.16 -13.12
N LEU B 343 2.02 30.76 -13.73
CA LEU B 343 1.31 30.11 -14.83
C LEU B 343 2.24 29.70 -15.99
N ASP B 344 3.21 30.55 -16.31
CA ASP B 344 4.19 30.25 -17.35
C ASP B 344 5.13 29.11 -16.97
N ILE B 345 5.50 29.04 -15.68
CA ILE B 345 6.29 27.94 -15.16
C ILE B 345 5.55 26.63 -15.35
N ILE B 346 4.25 26.61 -15.04
CA ILE B 346 3.44 25.42 -15.18
C ILE B 346 3.34 25.01 -16.66
N ALA B 347 3.12 25.98 -17.53
CA ALA B 347 3.04 25.74 -18.96
C ALA B 347 4.37 25.20 -19.50
N THR B 348 5.48 25.67 -18.96
CA THR B 348 6.81 25.21 -19.34
C THR B 348 7.03 23.74 -19.02
N ILE B 349 6.47 23.27 -17.90
CA ILE B 349 6.56 21.84 -17.55
C ILE B 349 5.38 21.01 -18.05
N ASN B 350 4.66 21.53 -19.05
CA ASN B 350 3.56 20.87 -19.76
C ASN B 350 2.36 20.36 -18.96
N LYS B 351 1.98 21.10 -17.92
CA LYS B 351 0.81 20.80 -17.12
C LYS B 351 -0.20 21.93 -17.35
N GLY B 352 -1.44 21.68 -16.98
CA GLY B 352 -2.49 22.69 -17.00
C GLY B 352 -2.62 23.31 -15.63
N SER B 353 -3.22 24.50 -15.57
CA SER B 353 -3.39 25.25 -14.33
C SER B 353 -4.86 25.46 -14.01
N ILE B 354 -5.18 25.40 -12.72
CA ILE B 354 -6.48 25.77 -12.20
C ILE B 354 -6.17 26.90 -11.21
N VAL B 355 -7.08 27.85 -11.14
CA VAL B 355 -6.91 29.07 -10.39
C VAL B 355 -8.24 29.45 -9.73
N TRP B 356 -8.22 29.98 -8.51
CA TRP B 356 -9.43 30.52 -7.88
C TRP B 356 -9.80 31.81 -8.62
N GLN B 357 -11.06 32.21 -8.55
CA GLN B 357 -11.57 33.32 -9.36
C GLN B 357 -10.90 34.70 -9.22
N GLU B 358 -10.32 34.99 -8.05
CA GLU B 358 -9.67 36.28 -7.84
C GLU B 358 -8.63 36.62 -8.89
N VAL B 359 -7.94 35.59 -9.37
CA VAL B 359 -6.90 35.72 -10.37
C VAL B 359 -7.52 36.26 -11.66
N PHE B 360 -8.68 35.73 -12.01
CA PHE B 360 -9.46 36.20 -13.14
C PHE B 360 -10.02 37.61 -12.86
N ASP B 361 -10.63 37.79 -11.69
CA ASP B 361 -11.28 39.04 -11.31
C ASP B 361 -10.33 40.24 -11.24
N ASP B 362 -9.12 40.00 -10.74
CA ASP B 362 -8.07 41.00 -10.64
C ASP B 362 -7.29 41.18 -11.96
N LYS B 363 -7.81 40.61 -13.05
CA LYS B 363 -7.34 40.85 -14.42
C LYS B 363 -5.96 40.31 -14.78
N ALA B 364 -5.62 39.12 -14.30
CA ALA B 364 -4.40 38.47 -14.74
C ALA B 364 -4.61 37.98 -16.17
N LYS B 365 -3.56 38.07 -16.98
CA LYS B 365 -3.62 37.54 -18.34
C LYS B 365 -3.44 36.04 -18.21
N LEU B 366 -4.46 35.28 -18.60
CA LEU B 366 -4.44 33.81 -18.52
C LEU B 366 -4.33 33.16 -19.88
N ALA B 367 -3.56 32.10 -19.97
CA ALA B 367 -3.39 31.37 -21.21
C ALA B 367 -4.65 30.57 -21.49
N PRO B 368 -5.00 30.36 -22.76
CA PRO B 368 -6.13 29.49 -23.12
C PRO B 368 -6.07 28.15 -22.42
N GLY B 369 -7.20 27.65 -21.94
CA GLY B 369 -7.24 26.37 -21.24
C GLY B 369 -7.08 26.43 -19.73
N THR B 370 -6.73 27.59 -19.16
CA THR B 370 -6.66 27.75 -17.72
C THR B 370 -8.09 27.60 -17.19
N ILE B 371 -8.29 26.71 -16.21
CA ILE B 371 -9.59 26.50 -15.61
C ILE B 371 -9.72 27.49 -14.46
N VAL B 372 -10.86 28.14 -14.36
CA VAL B 372 -11.10 29.09 -13.28
C VAL B 372 -12.12 28.45 -12.34
N GLU B 373 -11.81 28.46 -11.05
CA GLU B 373 -12.73 27.89 -10.07
C GLU B 373 -13.47 29.02 -9.39
N VAL B 374 -14.80 29.01 -9.55
CA VAL B 374 -15.68 30.03 -9.02
C VAL B 374 -16.22 29.59 -7.68
N TRP B 375 -15.77 30.29 -6.64
CA TRP B 375 -16.10 29.97 -5.26
C TRP B 375 -16.79 31.04 -4.44
N LYS B 376 -16.78 32.29 -4.88
CA LYS B 376 -17.39 33.38 -4.13
C LYS B 376 -18.89 33.38 -4.35
N ASP B 377 -19.64 33.44 -3.25
CA ASP B 377 -21.10 33.37 -3.34
C ASP B 377 -21.75 34.61 -3.93
N SER B 378 -21.05 35.74 -3.95
CA SER B 378 -21.62 36.97 -4.47
C SER B 378 -21.72 36.95 -5.99
N ALA B 379 -22.95 36.86 -6.49
CA ALA B 379 -23.26 36.88 -7.92
C ALA B 379 -22.44 35.86 -8.71
N TYR B 380 -22.44 34.60 -8.24
CA TYR B 380 -21.68 33.56 -8.92
C TYR B 380 -22.15 33.20 -10.34
N PRO B 381 -23.46 33.22 -10.63
CA PRO B 381 -23.92 32.99 -12.01
C PRO B 381 -23.33 34.01 -12.99
N GLU B 382 -23.29 35.28 -12.58
CA GLU B 382 -22.68 36.35 -13.38
C GLU B 382 -21.17 36.11 -13.54
N GLU B 383 -20.50 35.54 -12.52
CA GLU B 383 -19.08 35.16 -12.64
C GLU B 383 -18.92 34.07 -13.68
N LEU B 384 -19.79 33.07 -13.62
CA LEU B 384 -19.78 31.98 -14.58
C LEU B 384 -19.97 32.49 -16.00
N SER B 385 -20.88 33.46 -16.17
CA SER B 385 -21.12 34.06 -17.48
C SER B 385 -19.86 34.74 -17.98
N ARG B 386 -19.28 35.58 -17.13
CA ARG B 386 -18.07 36.35 -17.45
C ARG B 386 -16.87 35.48 -17.79
N VAL B 387 -16.63 34.46 -16.98
CA VAL B 387 -15.49 33.59 -17.21
C VAL B 387 -15.63 32.80 -18.50
N THR B 388 -16.81 32.26 -18.74
CA THR B 388 -17.05 31.49 -19.97
C THR B 388 -17.10 32.43 -21.18
N ALA B 389 -17.58 33.66 -21.02
CA ALA B 389 -17.55 34.66 -22.11
C ALA B 389 -16.11 34.95 -22.57
N SER B 390 -15.14 34.87 -21.64
CA SER B 390 -13.73 35.07 -21.99
C SER B 390 -13.05 33.81 -22.56
N GLY B 391 -13.79 32.72 -22.71
CA GLY B 391 -13.27 31.49 -23.29
C GLY B 391 -12.61 30.48 -22.35
N PHE B 392 -12.71 30.67 -21.03
CA PHE B 392 -12.06 29.76 -20.09
C PHE B 392 -12.99 28.69 -19.55
N PRO B 393 -12.52 27.45 -19.42
CA PRO B 393 -13.33 26.43 -18.72
C PRO B 393 -13.55 26.84 -17.27
N VAL B 394 -14.66 26.41 -16.68
CA VAL B 394 -15.02 26.81 -15.34
C VAL B 394 -15.49 25.63 -14.48
N ILE B 395 -15.21 25.73 -13.18
CA ILE B 395 -15.59 24.78 -12.16
C ILE B 395 -16.32 25.57 -11.08
N LEU B 396 -17.48 25.09 -10.63
CA LEU B 396 -18.26 25.78 -9.61
C LEU B 396 -18.14 25.12 -8.24
N SER B 397 -17.82 25.90 -7.23
CA SER B 397 -17.90 25.45 -5.85
C SER B 397 -18.66 26.41 -4.92
N ALA B 398 -19.02 27.62 -5.38
CA ALA B 398 -19.64 28.66 -4.53
C ALA B 398 -20.80 28.26 -3.60
N PRO B 399 -21.81 27.55 -4.12
CA PRO B 399 -22.95 27.16 -3.28
C PRO B 399 -22.70 25.87 -2.53
N TRP B 400 -21.51 25.27 -2.66
CA TRP B 400 -21.23 23.99 -2.03
C TRP B 400 -20.04 24.09 -1.10
N TYR B 401 -20.11 25.08 -0.22
CA TYR B 401 -19.13 25.28 0.83
C TYR B 401 -19.65 24.50 2.03
N LEU B 402 -19.28 23.21 2.07
CA LEU B 402 -19.78 22.32 3.12
C LEU B 402 -19.18 22.58 4.51
N ASP B 403 -18.12 23.38 4.59
CA ASP B 403 -17.64 23.82 5.91
C ASP B 403 -18.64 24.79 6.57
N LEU B 404 -19.46 25.50 5.79
CA LEU B 404 -20.48 26.43 6.33
C LEU B 404 -21.74 25.64 6.72
N ILE B 405 -21.64 24.99 7.86
CA ILE B 405 -22.72 24.19 8.43
C ILE B 405 -23.85 25.09 8.91
N SER B 406 -25.05 24.51 8.98
CA SER B 406 -26.23 25.21 9.44
C SER B 406 -27.21 24.17 9.93
N TYR B 407 -28.26 24.62 10.61
CA TYR B 407 -29.22 23.71 11.20
C TYR B 407 -30.14 23.09 10.13
N GLY B 408 -30.44 21.81 10.28
CA GLY B 408 -31.44 21.18 9.45
C GLY B 408 -30.93 20.51 8.19
N GLN B 409 -31.86 20.33 7.26
CA GLN B 409 -31.60 19.63 6.02
C GLN B 409 -30.98 20.49 4.93
N ASP B 410 -29.77 20.99 5.19
CA ASP B 410 -29.05 21.78 4.21
C ASP B 410 -28.65 20.99 2.96
N TRP B 411 -28.74 19.66 3.00
CA TRP B 411 -28.50 18.86 1.79
C TRP B 411 -29.44 19.26 0.64
N ARG B 412 -30.66 19.67 0.99
CA ARG B 412 -31.65 20.08 0.02
C ARG B 412 -31.22 21.32 -0.74
N LYS B 413 -30.65 22.29 -0.02
CA LYS B 413 -30.19 23.51 -0.69
C LYS B 413 -29.04 23.20 -1.67
N TYR B 414 -28.11 22.33 -1.27
CA TYR B 414 -27.05 21.89 -2.19
C TYR B 414 -27.62 21.14 -3.41
N TYR B 415 -28.63 20.31 -3.17
CA TYR B 415 -29.27 19.52 -4.21
C TYR B 415 -30.06 20.37 -5.22
N LYS B 416 -30.68 21.45 -4.75
CA LYS B 416 -31.49 22.35 -5.58
C LYS B 416 -30.71 23.23 -6.54
N VAL B 417 -29.41 23.35 -6.37
CA VAL B 417 -28.61 24.15 -7.26
C VAL B 417 -28.72 23.56 -8.66
N GLU B 418 -28.97 24.42 -9.66
CA GLU B 418 -28.89 24.04 -11.06
C GLU B 418 -27.71 24.86 -11.59
N PRO B 419 -26.55 24.23 -11.78
CA PRO B 419 -25.33 24.96 -12.13
C PRO B 419 -25.32 25.69 -13.45
N LEU B 420 -26.07 25.26 -14.46
CA LEU B 420 -26.12 25.96 -15.75
C LEU B 420 -27.14 27.10 -15.82
N ASP B 421 -27.75 27.47 -14.69
CA ASP B 421 -28.63 28.63 -14.64
C ASP B 421 -27.78 29.91 -14.52
N PHE B 422 -27.21 30.30 -15.66
CA PHE B 422 -26.47 31.55 -15.79
C PHE B 422 -26.56 31.96 -17.25
N GLY B 423 -26.26 33.21 -17.53
CA GLY B 423 -26.39 33.75 -18.87
C GLY B 423 -25.27 33.33 -19.79
N GLY B 424 -25.62 32.82 -20.96
CA GLY B 424 -24.63 32.45 -21.95
C GLY B 424 -25.18 31.60 -23.06
N THR B 425 -24.40 31.51 -24.14
CA THR B 425 -24.73 30.70 -25.30
C THR B 425 -24.46 29.23 -24.99
N GLN B 426 -24.74 28.37 -25.95
CA GLN B 426 -24.43 26.95 -25.83
C GLN B 426 -22.94 26.69 -25.68
N LYS B 427 -22.11 27.38 -26.47
CA LYS B 427 -20.66 27.22 -26.38
C LYS B 427 -20.08 27.69 -25.04
N GLN B 428 -20.68 28.72 -24.45
CA GLN B 428 -20.29 29.17 -23.11
C GLN B 428 -20.60 28.09 -22.08
N LYS B 429 -21.78 27.49 -22.21
CA LYS B 429 -22.20 26.46 -21.27
C LYS B 429 -21.38 25.18 -21.39
N GLN B 430 -20.88 24.88 -22.60
CA GLN B 430 -19.97 23.74 -22.80
C GLN B 430 -18.66 23.92 -22.04
N LEU B 431 -18.25 25.15 -21.79
CA LEU B 431 -17.07 25.44 -20.97
C LEU B 431 -17.28 25.16 -19.45
N PHE B 432 -18.52 24.94 -19.01
CA PHE B 432 -18.79 24.53 -17.63
C PHE B 432 -18.47 23.04 -17.57
N ILE B 433 -17.39 22.69 -16.88
CA ILE B 433 -16.92 21.29 -16.85
C ILE B 433 -17.28 20.53 -15.57
N GLY B 434 -17.81 21.22 -14.56
CA GLY B 434 -18.23 20.56 -13.34
C GLY B 434 -18.17 21.39 -12.08
N GLY B 435 -18.00 20.72 -10.96
CA GLY B 435 -17.95 21.41 -9.68
C GLY B 435 -17.30 20.61 -8.58
N GLU B 436 -17.21 21.25 -7.42
CA GLU B 436 -16.65 20.66 -6.22
C GLU B 436 -17.43 21.04 -4.96
N ALA B 437 -17.51 20.09 -4.03
CA ALA B 437 -18.03 20.32 -2.70
C ALA B 437 -16.78 20.56 -1.88
N CYS B 438 -16.72 21.70 -1.20
CA CYS B 438 -15.51 22.08 -0.46
C CYS B 438 -15.67 21.97 1.04
N LEU B 439 -14.77 21.24 1.68
CA LEU B 439 -14.78 21.13 3.12
C LEU B 439 -13.50 21.73 3.69
N TRP B 440 -13.50 23.05 3.84
CA TRP B 440 -12.35 23.75 4.41
C TRP B 440 -12.15 23.29 5.84
N GLY B 441 -10.89 23.37 6.28
CA GLY B 441 -10.47 22.72 7.50
C GLY B 441 -10.36 23.47 8.79
N GLU B 442 -10.73 24.75 8.85
CA GLU B 442 -10.62 25.53 10.09
C GLU B 442 -11.26 24.84 11.27
N TYR B 443 -12.44 24.23 11.07
CA TYR B 443 -13.17 23.56 12.14
C TYR B 443 -13.32 22.04 11.95
N VAL B 444 -12.49 21.46 11.09
CA VAL B 444 -12.60 20.05 10.69
C VAL B 444 -11.30 19.27 10.84
N ASP B 445 -11.36 18.15 11.55
CA ASP B 445 -10.25 17.21 11.62
C ASP B 445 -10.82 15.77 11.64
N ALA B 446 -9.99 14.79 11.97
CA ALA B 446 -10.45 13.39 11.95
C ALA B 446 -11.62 13.10 12.88
N THR B 447 -11.82 13.90 13.93
CA THR B 447 -12.96 13.67 14.82
C THR B 447 -14.32 13.98 14.21
N ASN B 448 -14.37 14.85 13.20
CA ASN B 448 -15.66 15.27 12.67
C ASN B 448 -15.76 15.38 11.15
N LEU B 449 -14.71 15.00 10.43
CA LEU B 449 -14.71 15.17 8.99
C LEU B 449 -15.82 14.39 8.32
N THR B 450 -15.85 13.09 8.57
CA THR B 450 -16.76 12.20 7.85
C THR B 450 -18.26 12.50 8.00
N PRO B 451 -18.77 12.61 9.22
CA PRO B 451 -20.18 13.00 9.38
C PRO B 451 -20.49 14.37 8.80
N ARG B 452 -19.59 15.33 8.89
CA ARG B 452 -19.83 16.63 8.29
C ARG B 452 -19.92 16.54 6.76
N LEU B 453 -19.07 15.72 6.16
CA LEU B 453 -18.97 15.62 4.70
C LEU B 453 -20.10 14.81 4.05
N TRP B 454 -20.47 13.66 4.64
CA TRP B 454 -21.46 12.76 4.07
C TRP B 454 -22.65 12.65 5.01
N PRO B 455 -23.89 12.65 4.52
CA PRO B 455 -24.27 12.65 3.10
C PRO B 455 -24.49 14.04 2.49
N ARG B 456 -24.10 15.15 3.11
CA ARG B 456 -24.30 16.47 2.49
C ARG B 456 -23.63 16.55 1.11
N ALA B 457 -22.44 15.97 0.97
CA ALA B 457 -21.76 15.97 -0.33
C ALA B 457 -22.44 15.05 -1.36
N SER B 458 -23.19 14.04 -0.91
CA SER B 458 -23.94 13.19 -1.83
C SER B 458 -24.94 13.99 -2.66
N ALA B 459 -25.53 15.04 -2.08
CA ALA B 459 -26.43 15.95 -2.80
C ALA B 459 -25.73 16.56 -3.98
N VAL B 460 -24.49 16.98 -3.77
CA VAL B 460 -23.68 17.58 -4.80
C VAL B 460 -23.32 16.51 -5.82
N GLY B 461 -23.01 15.30 -5.35
CA GLY B 461 -22.66 14.23 -6.23
C GLY B 461 -23.75 13.86 -7.23
N GLU B 462 -25.00 13.81 -6.76
CA GLU B 462 -26.11 13.55 -7.66
C GLU B 462 -26.31 14.68 -8.63
N ARG B 463 -26.25 15.92 -8.16
CA ARG B 463 -26.42 17.06 -9.05
C ARG B 463 -25.34 17.11 -10.13
N LEU B 464 -24.13 16.70 -9.82
CA LEU B 464 -23.07 16.67 -10.81
C LEU B 464 -23.08 15.45 -11.73
N TRP B 465 -23.61 14.30 -11.26
CA TRP B 465 -23.71 13.09 -12.09
C TRP B 465 -25.02 12.99 -12.90
N SER B 466 -26.14 13.12 -12.21
CA SER B 466 -27.46 12.86 -12.79
C SER B 466 -27.96 13.94 -13.75
N SER B 467 -28.99 13.60 -14.49
CA SER B 467 -29.60 14.54 -15.42
C SER B 467 -30.14 15.76 -14.72
N LYS B 468 -30.19 16.85 -15.48
CA LYS B 468 -30.71 18.14 -15.05
C LYS B 468 -32.11 18.06 -14.47
N ASP B 469 -32.95 17.21 -15.06
CA ASP B 469 -34.34 17.07 -14.62
C ASP B 469 -34.54 16.16 -13.38
N VAL B 470 -33.48 15.52 -12.89
CA VAL B 470 -33.60 14.72 -11.67
C VAL B 470 -33.62 15.70 -10.50
N ARG B 471 -34.81 16.03 -10.03
CA ARG B 471 -34.93 16.96 -8.90
C ARG B 471 -36.09 16.82 -7.92
N ASP B 472 -36.90 15.78 -8.02
CA ASP B 472 -37.97 15.58 -7.07
C ASP B 472 -37.40 15.35 -5.65
N MET B 473 -37.80 16.24 -4.74
CA MET B 473 -37.30 16.24 -3.37
C MET B 473 -37.68 15.04 -2.53
N ASP B 474 -38.93 14.58 -2.63
CA ASP B 474 -39.39 13.41 -1.88
C ASP B 474 -38.62 12.17 -2.32
N ASP B 475 -38.48 11.97 -3.63
CA ASP B 475 -37.69 10.84 -4.16
C ASP B 475 -36.22 10.94 -3.78
N ALA B 476 -35.65 12.15 -3.81
CA ALA B 476 -34.26 12.33 -3.38
C ALA B 476 -34.09 11.96 -1.90
N TYR B 477 -35.03 12.40 -1.06
CA TYR B 477 -35.00 12.06 0.35
C TYR B 477 -35.07 10.54 0.55
N ASP B 478 -36.00 9.88 -0.15
CA ASP B 478 -36.15 8.43 -0.01
C ASP B 478 -34.90 7.64 -0.45
N ARG B 479 -34.29 8.03 -1.57
CA ARG B 479 -33.09 7.34 -2.04
C ARG B 479 -31.86 7.71 -1.19
N LEU B 480 -31.74 8.96 -0.76
CA LEU B 480 -30.59 9.40 0.01
C LEU B 480 -30.56 8.84 1.43
N THR B 481 -31.71 8.67 2.09
CA THR B 481 -31.73 8.07 3.44
C THR B 481 -31.21 6.65 3.38
N ARG B 482 -31.57 5.94 2.32
CA ARG B 482 -31.14 4.56 2.13
C ARG B 482 -29.67 4.51 1.72
N HIS B 483 -29.25 5.43 0.84
CA HIS B 483 -27.85 5.51 0.45
C HIS B 483 -26.95 5.83 1.65
N ARG B 484 -27.43 6.69 2.53
CA ARG B 484 -26.71 6.98 3.76
C ARG B 484 -26.56 5.75 4.66
N CYS B 485 -27.63 4.97 4.82
CA CYS B 485 -27.57 3.74 5.61
C CYS B 485 -26.55 2.78 4.97
N ARG B 486 -26.54 2.71 3.64
CA ARG B 486 -25.56 1.91 2.92
C ARG B 486 -24.12 2.38 3.23
N MET B 487 -23.90 3.70 3.24
CA MET B 487 -22.59 4.24 3.61
C MET B 487 -22.16 3.80 5.02
N VAL B 488 -23.10 3.88 5.98
CA VAL B 488 -22.85 3.44 7.36
C VAL B 488 -22.49 1.94 7.38
N GLU B 489 -23.27 1.13 6.65
CA GLU B 489 -22.98 -0.30 6.54
C GLU B 489 -21.57 -0.56 6.01
N ARG B 490 -21.11 0.26 5.07
CA ARG B 490 -19.77 0.12 4.54
C ARG B 490 -18.65 0.78 5.36
N GLY B 491 -18.92 1.20 6.59
CA GLY B 491 -17.89 1.80 7.45
C GLY B 491 -17.73 3.31 7.28
N ILE B 492 -18.63 4.00 6.57
CA ILE B 492 -18.56 5.45 6.46
C ILE B 492 -19.60 6.03 7.42
N ALA B 493 -19.13 6.73 8.44
CA ALA B 493 -20.02 7.29 9.44
C ALA B 493 -20.75 8.54 8.96
N ALA B 494 -21.59 8.37 7.93
CA ALA B 494 -22.41 9.43 7.39
C ALA B 494 -23.52 9.76 8.39
N GLN B 495 -23.73 11.05 8.63
CA GLN B 495 -24.74 11.51 9.61
C GLN B 495 -26.19 11.41 9.08
N PRO B 496 -27.19 11.44 9.96
CA PRO B 496 -28.59 11.35 9.51
C PRO B 496 -29.09 12.53 8.69
N LEU B 497 -30.15 12.29 7.93
CA LEU B 497 -30.84 13.34 7.20
C LEU B 497 -31.87 13.93 8.12
N TYR B 498 -32.50 13.09 8.94
CA TYR B 498 -33.58 13.48 9.85
C TYR B 498 -33.76 12.27 10.78
N ALA B 499 -34.77 12.33 11.65
CA ALA B 499 -35.16 11.23 12.52
C ALA B 499 -35.39 9.94 11.74
N GLY B 500 -35.05 8.81 12.37
CA GLY B 500 -35.23 7.48 11.79
C GLY B 500 -34.19 6.48 12.29
N TYR B 501 -33.96 5.44 11.50
CA TYR B 501 -33.01 4.40 11.85
C TYR B 501 -32.60 3.66 10.58
N CYS B 502 -31.54 2.88 10.69
CA CYS B 502 -31.04 2.05 9.58
C CYS B 502 -31.24 0.57 9.93
N ASN B 503 -31.33 -0.26 8.89
CA ASN B 503 -31.55 -1.74 8.97
C ASN B 503 -33.02 -2.07 9.11
C1 NAG C . 23.65 3.10 32.14
C2 NAG C . 24.38 1.91 32.73
C3 NAG C . 23.88 1.53 34.12
C4 NAG C . 24.02 2.75 35.02
C5 NAG C . 23.27 3.90 34.37
C6 NAG C . 23.39 5.17 35.23
C7 NAG C . 25.35 0.03 31.52
C8 NAG C . 25.16 -1.45 31.29
N2 NAG C . 24.29 0.75 31.85
O3 NAG C . 24.69 0.51 34.65
O4 NAG C . 23.44 2.45 36.27
O5 NAG C . 23.75 4.16 33.06
O6 NAG C . 24.73 5.51 35.46
O7 NAG C . 26.47 0.50 31.37
C1 NAG C . 23.95 2.30 37.48
C2 NAG C . 23.13 1.90 38.70
C3 NAG C . 23.74 2.49 39.98
C4 NAG C . 25.24 2.24 40.04
C5 NAG C . 25.92 2.59 38.71
C6 NAG C . 27.41 2.23 38.73
C7 NAG C . 21.36 3.65 38.78
C8 NAG C . 20.00 3.87 39.35
N2 NAG C . 21.72 2.36 38.55
O3 NAG C . 23.12 1.90 41.10
O4 NAG C . 25.82 3.02 41.08
O5 NAG C . 25.28 1.89 37.65
O6 NAG C . 27.68 1.30 37.72
O7 NAG C . 22.08 4.60 38.50
C1 NAG D . -38.63 -5.51 -8.11
C2 NAG D . -39.44 -4.23 -8.15
C3 NAG D . -40.48 -4.12 -7.06
C4 NAG D . -41.30 -5.40 -7.04
C5 NAG D . -40.40 -6.64 -7.01
C6 NAG D . -41.19 -7.95 -7.01
C7 NAG D . -38.69 -2.06 -8.99
C8 NAG D . -38.30 -0.70 -8.47
N2 NAG D . -38.54 -3.08 -8.15
O3 NAG D . -41.34 -3.03 -7.36
O4 NAG D . -42.13 -5.38 -5.89
O5 NAG D . -39.51 -6.63 -8.11
O6 NAG D . -42.22 -7.97 -7.97
O7 NAG D . -39.13 -2.18 -10.13
C1 NAG D . -43.45 -5.19 -5.95
C2 NAG D . -44.29 -5.07 -4.68
C3 NAG D . -45.69 -5.69 -4.89
C4 NAG D . -46.31 -5.20 -6.19
C5 NAG D . -45.30 -5.31 -7.36
C6 NAG D . -45.90 -4.75 -8.65
C7 NAG D . -43.47 -7.11 -3.48
C8 NAG D . -43.10 -7.68 -2.14
N2 NAG D . -43.59 -5.74 -3.54
O3 NAG D . -46.51 -5.34 -3.81
O4 NAG D . -47.45 -5.99 -6.49
O5 NAG D . -44.13 -4.59 -7.02
O6 NAG D . -46.07 -3.34 -8.52
O7 NAG D . -43.62 -7.83 -4.45
N1 IFG E . 6.40 -32.06 6.84
C2 IFG E . 5.96 -31.33 5.69
C3 IFG E . 5.10 -30.06 5.89
C4 IFG E . 4.18 -30.13 7.12
C5 IFG E . 5.02 -30.57 8.31
C6 IFG E . 4.30 -30.61 9.63
C7 IFG E . 8.16 -30.39 5.21
C8 IFG E . 9.25 -29.87 4.32
C9 IFG E . 5.64 -31.94 8.08
N2 IFG E . 7.05 -31.06 4.77
O7 IFG E . 8.29 -30.15 6.41
O3 IFG E . 4.30 -29.84 4.72
O4 IFG E . 3.17 -31.10 6.87
O6 IFG E . 5.22 -30.66 10.72
C1 GOL F . 29.85 -1.47 8.93
O1 GOL F . 29.44 -0.99 7.67
C2 GOL F . 30.94 -0.58 9.51
O2 GOL F . 31.34 -1.13 10.74
C3 GOL F . 30.40 0.84 9.65
O3 GOL F . 30.54 1.48 8.43
C1 GOL G . 7.33 -19.23 24.37
O1 GOL G . 6.79 -18.09 24.98
C2 GOL G . 7.98 -20.18 25.36
O2 GOL G . 8.47 -21.36 24.77
C3 GOL G . 7.09 -20.57 26.54
O3 GOL G . 7.92 -20.44 27.66
S SO4 H . 15.44 52.50 -11.80
O1 SO4 H . 16.33 53.44 -11.15
O2 SO4 H . 15.14 51.48 -10.82
O3 SO4 H . 14.19 53.09 -12.25
O4 SO4 H . 16.08 51.95 -12.97
N1 IFG I . -12.05 31.14 1.94
C2 IFG I . -10.79 30.51 1.71
C3 IFG I . -10.52 29.11 2.34
C4 IFG I . -11.22 28.88 3.68
C5 IFG I . -12.68 29.31 3.52
C6 IFG I . -13.57 29.08 4.73
C7 IFG I . -11.19 29.89 -0.59
C8 IFG I . -10.78 29.68 -2.02
C9 IFG I . -12.82 30.77 3.13
N2 IFG I . -10.43 30.55 0.33
O7 IFG I . -12.26 29.40 -0.25
O3 IFG I . -9.12 28.93 2.53
O4 IFG I . -10.60 29.70 4.66
O6 IFG I . -14.94 29.14 4.38
C1 GOL J . -29.03 16.93 7.47
O1 GOL J . -30.23 16.61 6.80
C2 GOL J . -27.90 17.11 6.46
O2 GOL J . -28.24 18.08 5.49
C3 GOL J . -27.60 15.79 5.76
O3 GOL J . -27.14 14.86 6.72
#